data_5V6Q
#
_entry.id   5V6Q
#
_cell.length_a   176.484
_cell.length_b   176.484
_cell.length_c   135.857
_cell.angle_alpha   90.000
_cell.angle_beta   90.000
_cell.angle_gamma   120.000
#
_symmetry.space_group_name_H-M   'H 3'
#
loop_
_entity.id
_entity.type
_entity.pdbx_description
1 polymer 'NADPH-dependent glyoxylate/hydroxypyruvate reductase'
2 non-polymer 'NADP NICOTINAMIDE-ADENINE-DINUCLEOTIDE PHOSPHATE'
3 non-polymer 'MALONIC ACID'
4 non-polymer 'SODIUM ION'
5 water water
#
_entity_poly.entity_id   1
_entity_poly.type   'polypeptide(L)'
_entity_poly.pdbx_seq_one_letter_code
;SMSRPRILVPGKINPRVLERLPEMFETVRIERADAALVTADMRDVSGIAVSGKLPVPLMDAFPSLEIVANFGVGYDGVDV
SRAAARGIVVTNTPDVLTEEVADTAIGLLLNTLRLLPQAEQWLRQGRWVREGAFPLSPLSLRGRTVGLFGLGRIGLAIAR
RLEAFGVSIAYHTRTPREGLGFTYHPTLVGMAEAVDTLIVIVPGTASTLKAVNADVLSALGPKGVLINVGRGSTVDEAAL
VTALQNGTIAGAGLDVFENEPNVPEALLSFPNVSLLPHVASASVVTRNAMSDLVVDNLKAWFSTGEALTPVAETPFRRRA
IQN
;
_entity_poly.pdbx_strand_id   A,B,C,D
#
# COMPACT_ATOMS: atom_id res chain seq x y z
N ARG A 4 -5.48 18.90 -61.55
CA ARG A 4 -5.37 19.46 -60.16
C ARG A 4 -6.75 19.64 -59.52
N PRO A 5 -7.07 18.85 -58.49
CA PRO A 5 -8.37 19.02 -57.80
C PRO A 5 -8.51 20.40 -57.15
N ARG A 6 -9.74 20.90 -57.07
CA ARG A 6 -10.01 22.21 -56.51
C ARG A 6 -10.49 22.05 -55.08
N ILE A 7 -9.81 22.75 -54.17
CA ILE A 7 -10.10 22.73 -52.75
C ILE A 7 -10.67 24.06 -52.29
N LEU A 8 -11.87 24.01 -51.70
CA LEU A 8 -12.45 25.20 -51.08
C LEU A 8 -11.94 25.37 -49.66
N VAL A 9 -11.56 26.59 -49.32
CA VAL A 9 -11.27 26.97 -47.93
C VAL A 9 -12.21 28.12 -47.55
N PRO A 10 -13.23 27.84 -46.71
CA PRO A 10 -14.10 28.89 -46.23
C PRO A 10 -13.60 29.55 -44.95
N GLY A 11 -13.51 30.87 -44.94
CA GLY A 11 -13.16 31.62 -43.72
C GLY A 11 -11.70 31.47 -43.37
N LYS A 12 -11.38 31.70 -42.10
CA LYS A 12 -9.99 31.73 -41.64
C LYS A 12 -9.41 30.33 -41.49
N ILE A 13 -8.15 30.19 -41.90
CA ILE A 13 -7.39 28.96 -41.64
C ILE A 13 -5.91 29.33 -41.52
N ASN A 14 -5.13 28.48 -40.86
CA ASN A 14 -3.70 28.71 -40.71
C ASN A 14 -3.06 28.86 -42.10
N PRO A 15 -2.26 29.94 -42.31
CA PRO A 15 -1.60 30.20 -43.63
C PRO A 15 -0.73 29.08 -44.16
N ARG A 16 -0.19 28.27 -43.25
CA ARG A 16 0.51 27.04 -43.62
C ARG A 16 -0.34 26.10 -44.50
N VAL A 17 -1.63 25.97 -44.20
CA VAL A 17 -2.53 25.20 -45.06
C VAL A 17 -2.52 25.79 -46.47
N LEU A 18 -2.75 27.10 -46.52
CA LEU A 18 -2.81 27.83 -47.81
C LEU A 18 -1.48 27.77 -48.60
N GLU A 19 -0.36 27.85 -47.87
CA GLU A 19 1.02 27.71 -48.42
C GLU A 19 1.25 26.37 -49.11
N ARG A 20 0.73 25.31 -48.51
CA ARG A 20 1.01 23.95 -48.96
C ARG A 20 0.03 23.34 -49.96
N LEU A 21 -1.22 23.79 -49.98
CA LEU A 21 -2.22 23.32 -50.95
C LEU A 21 -1.76 23.35 -52.43
N PRO A 22 -1.01 24.41 -52.85
CA PRO A 22 -0.44 24.44 -54.22
C PRO A 22 0.52 23.31 -54.61
N GLU A 23 1.01 22.52 -53.65
CA GLU A 23 1.76 21.29 -53.95
C GLU A 23 1.01 20.33 -54.90
N MET A 24 -0.32 20.31 -54.78
CA MET A 24 -1.16 19.44 -55.61
C MET A 24 -2.49 20.04 -56.11
N PHE A 25 -2.94 21.16 -55.54
CA PHE A 25 -4.33 21.61 -55.68
C PHE A 25 -4.46 23.05 -56.14
N GLU A 26 -5.64 23.36 -56.70
CA GLU A 26 -6.10 24.71 -56.89
C GLU A 26 -6.93 25.07 -55.67
N THR A 27 -6.70 26.26 -55.11
CA THR A 27 -7.42 26.71 -53.93
C THR A 27 -8.53 27.69 -54.30
N VAL A 28 -9.70 27.52 -53.70
CA VAL A 28 -10.83 28.44 -53.86
C VAL A 28 -11.17 28.98 -52.48
N ARG A 29 -11.09 30.30 -52.33
CA ARG A 29 -11.40 30.93 -51.04
C ARG A 29 -12.74 31.64 -51.05
N ILE A 30 -13.46 31.52 -49.93
CA ILE A 30 -14.60 32.38 -49.64
C ILE A 30 -14.40 32.93 -48.23
N GLU A 31 -14.83 34.17 -47.99
CA GLU A 31 -14.51 34.88 -46.73
C GLU A 31 -15.26 34.39 -45.49
N ARG A 32 -16.41 33.75 -45.70
CA ARG A 32 -17.19 33.15 -44.60
C ARG A 32 -17.68 31.77 -45.04
N ALA A 33 -17.98 30.91 -44.07
CA ALA A 33 -18.54 29.59 -44.35
C ALA A 33 -20.03 29.75 -44.61
N ASP A 34 -20.36 30.21 -45.81
CA ASP A 34 -21.72 30.60 -46.18
C ASP A 34 -22.00 30.20 -47.63
N ALA A 35 -23.06 29.41 -47.82
CA ALA A 35 -23.48 28.93 -49.15
C ALA A 35 -23.82 30.05 -50.13
N ALA A 36 -24.32 31.17 -49.61
CA ALA A 36 -24.64 32.35 -50.42
C ALA A 36 -23.42 32.95 -51.15
N LEU A 37 -22.20 32.69 -50.66
CA LEU A 37 -20.99 33.14 -51.34
C LEU A 37 -20.49 32.20 -52.45
N VAL A 38 -21.12 31.03 -52.62
CA VAL A 38 -20.72 30.07 -53.64
C VAL A 38 -21.21 30.55 -55.01
N THR A 39 -20.29 30.60 -55.97
CA THR A 39 -20.62 31.02 -57.34
C THR A 39 -20.74 29.80 -58.24
N ALA A 40 -21.27 30.00 -59.43
CA ALA A 40 -21.44 28.94 -60.43
C ALA A 40 -20.11 28.27 -60.81
N ASP A 41 -19.06 29.08 -60.93
CA ASP A 41 -17.69 28.62 -61.18
C ASP A 41 -17.07 27.66 -60.16
N MET A 42 -17.57 27.69 -58.93
CA MET A 42 -17.10 26.83 -57.84
C MET A 42 -17.73 25.43 -57.80
N ARG A 43 -18.66 25.13 -58.71
CA ARG A 43 -19.39 23.85 -58.69
C ARG A 43 -18.56 22.59 -58.98
N ASP A 44 -17.34 22.74 -59.47
CA ASP A 44 -16.42 21.62 -59.65
C ASP A 44 -15.49 21.30 -58.44
N VAL A 45 -15.67 21.98 -57.32
CA VAL A 45 -14.83 21.74 -56.11
C VAL A 45 -14.89 20.26 -55.67
N SER A 46 -13.72 19.65 -55.45
CA SER A 46 -13.56 18.24 -55.05
C SER A 46 -13.31 18.03 -53.56
N GLY A 47 -12.78 19.04 -52.87
CA GLY A 47 -12.45 18.93 -51.47
C GLY A 47 -12.64 20.23 -50.71
N ILE A 48 -12.81 20.09 -49.40
CA ILE A 48 -12.90 21.24 -48.48
C ILE A 48 -11.85 21.08 -47.39
N ALA A 49 -11.16 22.17 -47.07
CA ALA A 49 -10.34 22.27 -45.84
C ALA A 49 -10.95 23.36 -44.97
N VAL A 50 -11.25 23.04 -43.71
CA VAL A 50 -12.03 23.91 -42.85
C VAL A 50 -11.61 23.83 -41.38
N SER A 51 -11.60 25.00 -40.73
CA SER A 51 -11.50 25.11 -39.28
C SER A 51 -12.84 25.63 -38.74
N GLY A 52 -13.45 24.87 -37.83
CA GLY A 52 -14.70 25.28 -37.18
C GLY A 52 -15.94 24.72 -37.87
N LYS A 53 -16.92 25.58 -38.12
CA LYS A 53 -18.22 25.14 -38.62
C LYS A 53 -18.24 24.96 -40.14
N LEU A 54 -18.84 23.87 -40.60
CA LEU A 54 -19.16 23.68 -42.01
C LEU A 54 -20.67 23.48 -42.15
N PRO A 55 -21.42 24.57 -42.42
CA PRO A 55 -22.87 24.43 -42.55
C PRO A 55 -23.26 23.46 -43.67
N VAL A 56 -24.30 22.67 -43.42
CA VAL A 56 -24.79 21.67 -44.40
C VAL A 56 -25.13 22.26 -45.77
N PRO A 57 -25.79 23.44 -45.82
CA PRO A 57 -26.03 24.04 -47.13
C PRO A 57 -24.76 24.39 -47.91
N LEU A 58 -23.67 24.74 -47.21
CA LEU A 58 -22.39 24.97 -47.88
C LEU A 58 -21.80 23.66 -48.39
N MET A 59 -21.74 22.65 -47.51
CA MET A 59 -21.28 21.32 -47.90
C MET A 59 -22.05 20.77 -49.09
N ASP A 60 -23.38 20.95 -49.06
CA ASP A 60 -24.27 20.44 -50.12
C ASP A 60 -24.35 21.30 -51.39
N ALA A 61 -23.65 22.43 -51.41
CA ALA A 61 -23.51 23.23 -52.63
C ALA A 61 -22.53 22.61 -53.65
N PHE A 62 -21.86 21.51 -53.30
CA PHE A 62 -20.81 20.92 -54.13
C PHE A 62 -21.13 19.46 -54.51
N PRO A 63 -21.73 19.23 -55.70
CA PRO A 63 -22.07 17.87 -56.15
C PRO A 63 -20.88 16.91 -56.27
N SER A 64 -19.69 17.44 -56.59
CA SER A 64 -18.48 16.63 -56.75
C SER A 64 -17.60 16.51 -55.49
N LEU A 65 -18.11 16.95 -54.34
CA LEU A 65 -17.34 16.92 -53.10
C LEU A 65 -17.00 15.49 -52.70
N GLU A 66 -15.71 15.25 -52.41
CA GLU A 66 -15.21 13.92 -52.04
C GLU A 66 -14.73 13.82 -50.59
N ILE A 67 -14.23 14.93 -50.05
CA ILE A 67 -13.48 14.91 -48.81
C ILE A 67 -13.60 16.26 -48.08
N VAL A 68 -13.86 16.19 -46.77
CA VAL A 68 -13.74 17.36 -45.88
C VAL A 68 -12.56 17.10 -44.94
N ALA A 69 -11.49 17.90 -45.07
CA ALA A 69 -10.33 17.81 -44.18
C ALA A 69 -10.47 18.85 -43.08
N ASN A 70 -10.88 18.39 -41.91
CA ASN A 70 -11.11 19.20 -40.73
C ASN A 70 -9.81 19.53 -39.98
N PHE A 71 -9.62 20.81 -39.70
CA PHE A 71 -8.47 21.32 -38.96
C PHE A 71 -8.85 21.23 -37.47
N GLY A 72 -8.23 20.28 -36.77
CA GLY A 72 -8.58 19.95 -35.39
C GLY A 72 -8.92 18.48 -35.21
N VAL A 73 -8.70 17.97 -34.01
CA VAL A 73 -9.08 16.59 -33.71
C VAL A 73 -10.58 16.48 -33.47
N GLY A 74 -11.16 17.52 -32.85
CA GLY A 74 -12.61 17.70 -32.80
C GLY A 74 -13.17 18.09 -34.15
N TYR A 75 -14.28 17.46 -34.55
CA TYR A 75 -14.91 17.71 -35.87
C TYR A 75 -16.43 17.88 -35.78
N ASP A 76 -16.89 18.32 -34.61
CA ASP A 76 -18.32 18.50 -34.37
C ASP A 76 -18.95 19.60 -35.22
N GLY A 77 -18.12 20.48 -35.80
CA GLY A 77 -18.59 21.48 -36.72
C GLY A 77 -18.94 20.96 -38.10
N VAL A 78 -18.56 19.72 -38.40
CA VAL A 78 -18.93 19.04 -39.62
C VAL A 78 -20.09 18.10 -39.33
N ASP A 79 -21.12 18.12 -40.18
CA ASP A 79 -22.24 17.18 -40.06
C ASP A 79 -21.79 15.86 -40.68
N VAL A 80 -21.15 15.06 -39.85
CA VAL A 80 -20.59 13.79 -40.27
C VAL A 80 -21.65 12.76 -40.73
N SER A 81 -22.84 12.81 -40.14
CA SER A 81 -23.95 11.93 -40.55
C SER A 81 -24.35 12.19 -42.00
N ARG A 82 -24.49 13.46 -42.33
CA ARG A 82 -24.81 13.90 -43.68
C ARG A 82 -23.66 13.62 -44.64
N ALA A 83 -22.42 13.84 -44.19
CA ALA A 83 -21.24 13.50 -44.98
C ALA A 83 -21.20 12.00 -45.33
N ALA A 84 -21.39 11.15 -44.32
CA ALA A 84 -21.41 9.69 -44.52
C ALA A 84 -22.53 9.25 -45.49
N ALA A 85 -23.72 9.85 -45.35
CA ALA A 85 -24.86 9.61 -46.25
C ALA A 85 -24.60 9.99 -47.72
N ARG A 86 -23.71 10.96 -47.96
CA ARG A 86 -23.25 11.33 -49.31
C ARG A 86 -21.98 10.57 -49.79
N GLY A 87 -21.46 9.66 -48.96
CA GLY A 87 -20.18 8.99 -49.24
C GLY A 87 -18.95 9.89 -49.21
N ILE A 88 -19.02 10.99 -48.46
CA ILE A 88 -17.93 11.99 -48.34
C ILE A 88 -17.09 11.62 -47.12
N VAL A 89 -15.80 11.41 -47.35
CA VAL A 89 -14.86 11.11 -46.28
C VAL A 89 -14.59 12.40 -45.48
N VAL A 90 -14.52 12.27 -44.15
CA VAL A 90 -14.13 13.36 -43.26
C VAL A 90 -12.83 12.94 -42.57
N THR A 91 -11.85 13.84 -42.58
CA THR A 91 -10.59 13.60 -41.88
C THR A 91 -10.43 14.64 -40.77
N ASN A 92 -9.69 14.28 -39.73
CA ASN A 92 -9.40 15.20 -38.62
C ASN A 92 -7.89 15.26 -38.37
N THR A 93 -7.45 15.89 -37.28
CA THR A 93 -6.02 15.99 -36.95
C THR A 93 -5.69 15.46 -35.56
N PRO A 94 -5.79 14.13 -35.36
CA PRO A 94 -5.44 13.55 -34.08
C PRO A 94 -3.92 13.46 -33.92
N ASP A 95 -3.52 13.18 -32.67
CA ASP A 95 -2.14 12.77 -32.31
C ASP A 95 -1.09 13.88 -32.31
N VAL A 96 -1.03 14.67 -33.39
CA VAL A 96 -0.05 15.75 -33.55
C VAL A 96 -0.24 16.93 -32.57
N LEU A 97 -1.38 16.97 -31.88
CA LEU A 97 -1.68 17.98 -30.87
C LEU A 97 -1.90 17.43 -29.46
N THR A 98 -1.74 16.12 -29.24
CA THR A 98 -2.13 15.49 -28.00
C THR A 98 -1.36 16.02 -26.80
N GLU A 99 -0.04 16.02 -26.94
CA GLU A 99 0.85 16.45 -25.85
C GLU A 99 0.69 17.94 -25.55
N GLU A 100 0.57 18.75 -26.62
CA GLU A 100 0.34 20.20 -26.49
C GLU A 100 -0.91 20.52 -25.69
N VAL A 101 -2.02 19.87 -26.05
CA VAL A 101 -3.31 20.05 -25.37
C VAL A 101 -3.25 19.59 -23.92
N ALA A 102 -2.60 18.46 -23.68
CA ALA A 102 -2.37 17.97 -22.32
C ALA A 102 -1.56 18.97 -21.48
N ASP A 103 -0.55 19.58 -22.09
CA ASP A 103 0.24 20.64 -21.42
C ASP A 103 -0.65 21.80 -21.02
N THR A 104 -1.49 22.29 -21.94
CA THR A 104 -2.39 23.40 -21.64
C THR A 104 -3.36 23.03 -20.50
N ALA A 105 -3.87 21.81 -20.52
CA ALA A 105 -4.79 21.34 -19.47
C ALA A 105 -4.16 21.41 -18.06
N ILE A 106 -2.92 20.97 -17.93
CA ILE A 106 -2.22 21.13 -16.66
C ILE A 106 -1.97 22.61 -16.31
N GLY A 107 -1.51 23.40 -17.26
CA GLY A 107 -1.32 24.82 -17.04
C GLY A 107 -2.56 25.54 -16.51
N LEU A 108 -3.68 25.29 -17.16
CA LEU A 108 -4.98 25.82 -16.76
C LEU A 108 -5.41 25.33 -15.39
N LEU A 109 -5.17 24.05 -15.11
CA LEU A 109 -5.47 23.50 -13.79
C LEU A 109 -4.69 24.24 -12.69
N LEU A 110 -3.38 24.37 -12.90
CA LEU A 110 -2.49 25.07 -11.94
C LEU A 110 -2.85 26.55 -11.78
N ASN A 111 -3.14 27.22 -12.88
CA ASN A 111 -3.58 28.61 -12.84
C ASN A 111 -4.89 28.79 -12.06
N THR A 112 -5.82 27.84 -12.25
CA THR A 112 -7.11 27.87 -11.55
C THR A 112 -6.92 27.69 -10.05
N LEU A 113 -6.12 26.70 -9.66
CA LEU A 113 -5.92 26.36 -8.25
C LEU A 113 -5.06 27.39 -7.50
N ARG A 114 -3.98 27.84 -8.12
CA ARG A 114 -2.99 28.66 -7.43
C ARG A 114 -3.08 30.14 -7.79
N LEU A 115 -4.00 30.48 -8.69
CA LEU A 115 -4.28 31.87 -9.05
C LEU A 115 -3.07 32.61 -9.60
N LEU A 116 -2.25 31.89 -10.36
CA LEU A 116 -0.99 32.47 -10.87
C LEU A 116 -1.20 33.69 -11.76
N PRO A 117 -2.20 33.68 -12.67
CA PRO A 117 -2.43 34.87 -13.49
C PRO A 117 -2.76 36.12 -12.65
N GLN A 118 -3.60 35.91 -11.64
CA GLN A 118 -3.98 36.98 -10.71
C GLN A 118 -2.76 37.44 -9.89
N ALA A 119 -1.91 36.50 -9.47
CA ALA A 119 -0.65 36.86 -8.78
C ALA A 119 0.27 37.72 -9.67
N GLU A 120 0.36 37.36 -10.93
CA GLU A 120 1.12 38.14 -11.92
C GLU A 120 0.54 39.56 -12.09
N GLN A 121 -0.79 39.66 -12.18
CA GLN A 121 -1.45 40.97 -12.23
C GLN A 121 -1.16 41.83 -10.98
N TRP A 122 -1.21 41.22 -9.81
CA TRP A 122 -0.86 41.89 -8.54
C TRP A 122 0.54 42.53 -8.64
N LEU A 123 1.51 41.76 -9.12
CA LEU A 123 2.88 42.26 -9.35
C LEU A 123 2.92 43.37 -10.40
N ARG A 124 2.36 43.11 -11.57
CA ARG A 124 2.43 44.08 -12.69
C ARG A 124 1.72 45.39 -12.39
N GLN A 125 0.69 45.36 -11.54
CA GLN A 125 -0.02 46.59 -11.17
C GLN A 125 0.65 47.36 -10.02
N GLY A 126 1.81 46.91 -9.55
CA GLY A 126 2.55 47.62 -8.53
C GLY A 126 2.11 47.31 -7.10
N ARG A 127 1.30 46.26 -6.91
CA ARG A 127 0.74 45.94 -5.59
C ARG A 127 1.72 45.21 -4.64
N TRP A 128 2.70 44.51 -5.21
CA TRP A 128 3.73 43.85 -4.39
C TRP A 128 4.55 44.88 -3.61
N VAL A 129 4.84 46.01 -4.26
CA VAL A 129 5.62 47.10 -3.66
C VAL A 129 4.79 47.84 -2.59
N ARG A 130 3.57 48.22 -2.93
CA ARG A 130 2.74 49.08 -2.05
C ARG A 130 2.02 48.30 -0.93
N GLU A 131 1.45 47.14 -1.28
CA GLU A 131 0.63 46.34 -0.35
C GLU A 131 1.25 45.03 0.15
N GLY A 132 2.40 44.65 -0.38
CA GLY A 132 3.08 43.44 0.07
C GLY A 132 2.60 42.17 -0.64
N ALA A 133 2.72 41.03 0.05
CA ALA A 133 2.49 39.72 -0.58
C ALA A 133 1.08 39.54 -1.16
N PHE A 134 1.02 38.91 -2.34
CA PHE A 134 -0.25 38.44 -2.92
C PHE A 134 -0.90 37.52 -1.88
N PRO A 135 -2.22 37.64 -1.68
CA PRO A 135 -2.90 36.71 -0.75
C PRO A 135 -2.65 35.21 -1.07
N LEU A 136 -2.57 34.40 -0.01
CA LEU A 136 -2.42 32.95 -0.18
C LEU A 136 -3.63 32.38 -0.98
N SER A 137 -3.37 31.46 -1.88
CA SER A 137 -4.45 30.83 -2.65
C SER A 137 -5.20 29.87 -1.72
N PRO A 138 -6.56 29.99 -1.64
CA PRO A 138 -7.28 29.03 -0.80
C PRO A 138 -7.12 27.59 -1.26
N LEU A 139 -6.89 27.39 -2.56
CA LEU A 139 -6.80 26.05 -3.13
C LEU A 139 -5.36 25.66 -3.44
N SER A 140 -5.20 24.36 -3.64
CA SER A 140 -3.93 23.73 -4.02
C SER A 140 -4.23 22.44 -4.76
N LEU A 141 -3.28 21.97 -5.56
CA LEU A 141 -3.34 20.62 -6.12
C LEU A 141 -3.08 19.54 -5.08
N ARG A 142 -2.37 19.89 -4.00
CA ARG A 142 -1.95 18.91 -3.02
C ARG A 142 -3.17 18.25 -2.39
N GLY A 143 -3.15 16.91 -2.37
CA GLY A 143 -4.21 16.11 -1.76
C GLY A 143 -5.46 15.95 -2.60
N ARG A 144 -5.45 16.43 -3.86
CA ARG A 144 -6.66 16.38 -4.69
C ARG A 144 -6.86 15.01 -5.32
N THR A 145 -8.09 14.77 -5.73
CA THR A 145 -8.50 13.57 -6.43
C THR A 145 -9.11 14.03 -7.74
N VAL A 146 -8.49 13.62 -8.85
CA VAL A 146 -8.87 14.10 -10.18
C VAL A 146 -9.68 13.03 -10.91
N GLY A 147 -10.83 13.44 -11.44
CA GLY A 147 -11.68 12.61 -12.29
C GLY A 147 -11.65 13.12 -13.72
N LEU A 148 -11.20 12.28 -14.65
CA LEU A 148 -11.19 12.61 -16.08
C LEU A 148 -12.48 12.13 -16.76
N PHE A 149 -13.26 13.10 -17.27
CA PHE A 149 -14.41 12.81 -18.13
C PHE A 149 -13.85 12.72 -19.55
N GLY A 150 -13.67 11.48 -20.02
CA GLY A 150 -12.94 11.20 -21.25
C GLY A 150 -11.55 10.73 -20.91
N LEU A 151 -11.09 9.65 -21.56
CA LEU A 151 -9.74 9.12 -21.33
C LEU A 151 -9.18 8.55 -22.63
N GLY A 152 -9.25 9.35 -23.69
CA GLY A 152 -8.77 8.96 -25.00
C GLY A 152 -7.32 9.36 -25.18
N ARG A 153 -7.00 9.82 -26.39
CA ARG A 153 -5.64 10.26 -26.72
C ARG A 153 -5.21 11.36 -25.74
N ILE A 154 -6.04 12.39 -25.60
CA ILE A 154 -5.67 13.55 -24.79
C ILE A 154 -5.91 13.29 -23.29
N GLY A 155 -7.05 12.70 -22.94
CA GLY A 155 -7.35 12.35 -21.55
C GLY A 155 -6.28 11.50 -20.89
N LEU A 156 -5.79 10.48 -21.62
CA LEU A 156 -4.70 9.63 -21.10
C LEU A 156 -3.39 10.41 -20.93
N ALA A 157 -3.05 11.26 -21.90
CA ALA A 157 -1.87 12.14 -21.81
C ALA A 157 -1.94 13.07 -20.60
N ILE A 158 -3.14 13.56 -20.30
CA ILE A 158 -3.38 14.34 -19.06
C ILE A 158 -3.15 13.48 -17.82
N ALA A 159 -3.75 12.28 -17.81
CA ALA A 159 -3.56 11.33 -16.68
C ALA A 159 -2.08 11.00 -16.44
N ARG A 160 -1.31 10.81 -17.50
CA ARG A 160 0.13 10.55 -17.38
C ARG A 160 0.87 11.68 -16.67
N ARG A 161 0.55 12.92 -17.02
CA ARG A 161 1.10 14.09 -16.33
C ARG A 161 0.71 14.09 -14.87
N LEU A 162 -0.59 13.92 -14.61
CA LEU A 162 -1.13 13.93 -13.23
C LEU A 162 -0.53 12.88 -12.29
N GLU A 163 -0.18 11.72 -12.83
CA GLU A 163 0.52 10.68 -12.08
C GLU A 163 1.80 11.20 -11.43
N ALA A 164 2.53 12.07 -12.12
CA ALA A 164 3.77 12.64 -11.60
C ALA A 164 3.58 13.76 -10.56
N PHE A 165 2.35 14.26 -10.43
CA PHE A 165 1.99 15.27 -9.43
C PHE A 165 1.51 14.68 -8.09
N GLY A 166 1.45 13.35 -7.98
CA GLY A 166 1.11 12.70 -6.72
C GLY A 166 -0.34 12.86 -6.31
N VAL A 167 -1.24 12.87 -7.29
CA VAL A 167 -2.70 12.94 -7.02
C VAL A 167 -3.39 11.64 -7.44
N SER A 168 -4.50 11.33 -6.78
CA SER A 168 -5.33 10.19 -7.16
C SER A 168 -6.07 10.50 -8.46
N ILE A 169 -6.23 9.47 -9.29
CA ILE A 169 -6.80 9.61 -10.64
C ILE A 169 -7.95 8.62 -10.84
N ALA A 170 -9.08 9.12 -11.33
CA ALA A 170 -10.22 8.28 -11.74
C ALA A 170 -10.68 8.76 -13.11
N TYR A 171 -11.55 7.97 -13.75
CA TYR A 171 -12.08 8.36 -15.05
C TYR A 171 -13.46 7.80 -15.35
N HIS A 172 -14.15 8.50 -16.24
CA HIS A 172 -15.45 8.07 -16.74
C HIS A 172 -15.46 8.12 -18.25
N THR A 173 -15.70 6.96 -18.85
CA THR A 173 -15.95 6.78 -20.28
C THR A 173 -17.14 5.82 -20.41
N ARG A 174 -17.70 5.69 -21.62
CA ARG A 174 -18.81 4.73 -21.82
C ARG A 174 -18.33 3.28 -21.67
N THR A 175 -17.10 3.03 -22.11
CA THR A 175 -16.46 1.72 -22.02
C THR A 175 -15.14 1.86 -21.25
N PRO A 176 -14.90 1.00 -20.23
CA PRO A 176 -13.62 1.09 -19.52
C PRO A 176 -12.40 0.72 -20.39
N ARG A 177 -11.24 1.29 -20.06
CA ARG A 177 -9.97 0.97 -20.74
C ARG A 177 -9.15 0.01 -19.87
N GLU A 178 -8.98 -1.21 -20.37
CA GLU A 178 -8.30 -2.27 -19.61
C GLU A 178 -6.79 -2.11 -19.64
N GLY A 179 -6.13 -2.55 -18.57
CA GLY A 179 -4.67 -2.51 -18.46
C GLY A 179 -4.12 -1.30 -17.73
N LEU A 180 -4.95 -0.27 -17.54
CA LEU A 180 -4.55 0.94 -16.83
C LEU A 180 -4.99 0.84 -15.38
N GLY A 181 -4.18 1.39 -14.48
CA GLY A 181 -4.44 1.31 -13.04
C GLY A 181 -5.32 2.40 -12.45
N PHE A 182 -6.10 3.10 -13.30
CA PHE A 182 -6.98 4.18 -12.83
C PHE A 182 -8.38 3.64 -12.51
N THR A 183 -9.04 4.24 -11.53
CA THR A 183 -10.39 3.81 -11.10
C THR A 183 -11.43 4.23 -12.14
N TYR A 184 -12.11 3.25 -12.73
CA TYR A 184 -13.20 3.52 -13.68
C TYR A 184 -14.48 3.81 -12.93
N HIS A 185 -15.24 4.80 -13.42
CA HIS A 185 -16.61 5.05 -12.95
C HIS A 185 -17.59 4.90 -14.10
N PRO A 186 -18.62 4.03 -13.95
CA PRO A 186 -19.60 3.85 -15.02
C PRO A 186 -20.57 5.03 -15.23
N THR A 187 -20.65 5.96 -14.27
CA THR A 187 -21.46 7.17 -14.42
C THR A 187 -20.62 8.41 -14.11
N LEU A 188 -20.96 9.52 -14.78
CA LEU A 188 -20.26 10.79 -14.57
C LEU A 188 -20.55 11.35 -13.18
N VAL A 189 -21.84 11.36 -12.80
CA VAL A 189 -22.25 11.84 -11.47
C VAL A 189 -21.60 11.03 -10.34
N GLY A 190 -21.45 9.72 -10.54
CA GLY A 190 -20.76 8.86 -9.59
C GLY A 190 -19.31 9.22 -9.41
N MET A 191 -18.62 9.48 -10.53
CA MET A 191 -17.24 9.95 -10.47
C MET A 191 -17.15 11.29 -9.76
N ALA A 192 -18.05 12.21 -10.13
CA ALA A 192 -18.10 13.54 -9.52
C ALA A 192 -18.25 13.47 -8.01
N GLU A 193 -19.13 12.59 -7.52
CA GLU A 193 -19.23 12.33 -6.06
C GLU A 193 -17.90 11.93 -5.44
N ALA A 194 -17.16 11.06 -6.12
CA ALA A 194 -15.90 10.51 -5.60
C ALA A 194 -14.69 11.45 -5.67
N VAL A 195 -14.73 12.45 -6.57
CA VAL A 195 -13.57 13.34 -6.80
C VAL A 195 -13.81 14.77 -6.34
N ASP A 196 -12.76 15.58 -6.28
CA ASP A 196 -12.90 17.03 -6.05
C ASP A 196 -12.42 17.89 -7.23
N THR A 197 -12.02 17.25 -8.32
CA THR A 197 -11.43 17.95 -9.49
C THR A 197 -11.87 17.20 -10.74
N LEU A 198 -12.62 17.87 -11.61
CA LEU A 198 -13.21 17.25 -12.80
C LEU A 198 -12.61 17.89 -14.04
N ILE A 199 -11.92 17.10 -14.87
CA ILE A 199 -11.34 17.58 -16.13
C ILE A 199 -12.16 17.02 -17.29
N VAL A 200 -12.72 17.92 -18.12
CA VAL A 200 -13.56 17.54 -19.25
C VAL A 200 -12.73 17.49 -20.53
N ILE A 201 -12.65 16.31 -21.14
CA ILE A 201 -11.91 16.13 -22.37
C ILE A 201 -12.60 15.08 -23.25
N VAL A 202 -13.89 15.29 -23.47
CA VAL A 202 -14.69 14.46 -24.40
C VAL A 202 -15.00 15.26 -25.65
N PRO A 203 -15.39 14.58 -26.77
CA PRO A 203 -15.87 15.35 -27.92
C PRO A 203 -17.22 16.01 -27.66
N GLY A 204 -17.53 17.03 -28.46
CA GLY A 204 -18.79 17.75 -28.37
C GLY A 204 -19.84 17.10 -29.25
N THR A 205 -20.46 16.04 -28.75
CA THR A 205 -21.49 15.27 -29.47
C THR A 205 -22.84 15.42 -28.77
N ALA A 206 -23.88 14.88 -29.39
CA ALA A 206 -25.21 14.79 -28.76
C ALA A 206 -25.16 14.07 -27.41
N SER A 207 -24.30 13.05 -27.29
CA SER A 207 -24.18 12.26 -26.06
C SER A 207 -23.54 12.99 -24.87
N THR A 208 -22.68 13.98 -25.14
CA THR A 208 -22.02 14.75 -24.07
C THR A 208 -22.64 16.13 -23.86
N LEU A 209 -23.68 16.47 -24.64
CA LEU A 209 -24.28 17.79 -24.60
C LEU A 209 -24.82 18.10 -23.20
N LYS A 210 -24.28 19.14 -22.58
CA LYS A 210 -24.62 19.52 -21.20
C LYS A 210 -24.56 18.37 -20.20
N ALA A 211 -23.61 17.45 -20.40
CA ALA A 211 -23.42 16.34 -19.48
C ALA A 211 -22.97 16.86 -18.12
N VAL A 212 -22.14 17.91 -18.11
CA VAL A 212 -21.75 18.58 -16.88
C VAL A 212 -22.84 19.59 -16.50
N ASN A 213 -23.81 19.12 -15.71
CA ASN A 213 -25.02 19.86 -15.37
C ASN A 213 -25.09 20.18 -13.87
N ALA A 214 -26.21 20.74 -13.42
CA ALA A 214 -26.40 21.08 -12.00
C ALA A 214 -26.11 19.92 -11.04
N ASP A 215 -26.60 18.73 -11.38
CA ASP A 215 -26.39 17.53 -10.55
C ASP A 215 -24.92 17.14 -10.43
N VAL A 216 -24.22 17.14 -11.56
CA VAL A 216 -22.79 16.79 -11.58
C VAL A 216 -21.97 17.78 -10.75
N LEU A 217 -22.28 19.07 -10.90
CA LEU A 217 -21.59 20.13 -10.16
C LEU A 217 -21.87 20.08 -8.66
N SER A 218 -23.13 19.81 -8.30
CA SER A 218 -23.50 19.61 -6.90
C SER A 218 -22.75 18.42 -6.28
N ALA A 219 -22.71 17.31 -7.01
CA ALA A 219 -21.97 16.12 -6.61
C ALA A 219 -20.45 16.39 -6.48
N LEU A 220 -19.89 17.18 -7.39
CA LEU A 220 -18.46 17.54 -7.34
C LEU A 220 -18.09 18.19 -5.99
N GLY A 221 -18.94 19.11 -5.53
CA GLY A 221 -18.92 19.55 -4.13
C GLY A 221 -18.18 20.85 -3.88
N PRO A 222 -18.19 21.32 -2.63
CA PRO A 222 -17.72 22.67 -2.29
C PRO A 222 -16.20 22.91 -2.32
N LYS A 223 -15.40 21.86 -2.44
CA LYS A 223 -13.98 22.00 -2.78
C LYS A 223 -13.74 21.74 -4.29
N GLY A 224 -14.85 21.65 -5.04
CA GLY A 224 -14.82 21.20 -6.42
C GLY A 224 -14.22 22.20 -7.40
N VAL A 225 -13.37 21.70 -8.29
CA VAL A 225 -12.82 22.50 -9.37
C VAL A 225 -13.13 21.79 -10.69
N LEU A 226 -13.73 22.53 -11.61
CA LEU A 226 -14.03 22.07 -12.97
C LEU A 226 -13.03 22.65 -13.97
N ILE A 227 -12.40 21.79 -14.77
CA ILE A 227 -11.54 22.24 -15.88
C ILE A 227 -12.15 21.73 -17.19
N ASN A 228 -12.41 22.63 -18.14
CA ASN A 228 -12.93 22.22 -19.46
C ASN A 228 -11.99 22.59 -20.59
N VAL A 229 -11.42 21.56 -21.20
CA VAL A 229 -10.57 21.72 -22.38
C VAL A 229 -11.11 20.94 -23.58
N GLY A 230 -12.37 20.50 -23.49
CA GLY A 230 -12.97 19.67 -24.54
C GLY A 230 -13.75 20.55 -25.50
N ARG A 231 -15.06 20.59 -25.29
CA ARG A 231 -15.96 21.51 -25.98
C ARG A 231 -16.90 22.19 -24.98
N GLY A 232 -17.20 23.46 -25.24
CA GLY A 232 -18.07 24.25 -24.36
C GLY A 232 -19.50 23.74 -24.27
N SER A 233 -19.98 23.10 -25.34
CA SER A 233 -21.31 22.45 -25.36
C SER A 233 -21.50 21.37 -24.28
N THR A 234 -20.42 20.73 -23.86
CA THR A 234 -20.46 19.69 -22.83
C THR A 234 -20.84 20.22 -21.44
N VAL A 235 -20.54 21.48 -21.16
CA VAL A 235 -20.89 22.11 -19.88
C VAL A 235 -22.19 22.92 -20.03
N ASP A 236 -23.08 22.76 -19.04
CA ASP A 236 -24.26 23.62 -18.90
C ASP A 236 -23.78 24.94 -18.34
N GLU A 237 -23.48 25.87 -19.24
CA GLU A 237 -22.79 27.11 -18.87
C GLU A 237 -23.59 27.94 -17.84
N ALA A 238 -24.91 27.99 -18.04
CA ALA A 238 -25.81 28.66 -17.09
C ALA A 238 -25.76 28.04 -15.68
N ALA A 239 -25.81 26.71 -15.62
CA ALA A 239 -25.68 25.97 -14.35
C ALA A 239 -24.32 26.17 -13.67
N LEU A 240 -23.24 26.26 -14.47
CA LEU A 240 -21.91 26.55 -13.93
C LEU A 240 -21.87 27.92 -13.26
N VAL A 241 -22.44 28.94 -13.91
CA VAL A 241 -22.49 30.30 -13.35
C VAL A 241 -23.23 30.31 -12.00
N THR A 242 -24.38 29.64 -11.95
CA THR A 242 -25.16 29.49 -10.71
C THR A 242 -24.36 28.80 -9.62
N ALA A 243 -23.73 27.67 -9.96
CA ALA A 243 -22.90 26.91 -9.02
C ALA A 243 -21.75 27.74 -8.46
N LEU A 244 -21.10 28.55 -9.31
CA LEU A 244 -20.03 29.46 -8.87
C LEU A 244 -20.57 30.60 -8.00
N GLN A 245 -21.70 31.18 -8.40
CA GLN A 245 -22.37 32.21 -7.59
C GLN A 245 -22.72 31.74 -6.18
N ASN A 246 -23.29 30.55 -6.09
CA ASN A 246 -23.77 30.00 -4.82
C ASN A 246 -22.67 29.37 -3.93
N GLY A 247 -21.47 29.17 -4.48
CA GLY A 247 -20.40 28.48 -3.77
C GLY A 247 -20.55 26.97 -3.76
N THR A 248 -21.42 26.44 -4.62
CA THR A 248 -21.62 25.00 -4.80
C THR A 248 -20.33 24.28 -5.20
N ILE A 249 -19.52 24.94 -6.04
CA ILE A 249 -18.14 24.54 -6.33
C ILE A 249 -17.16 25.66 -5.98
N ALA A 250 -15.88 25.31 -5.87
CA ALA A 250 -14.83 26.23 -5.41
C ALA A 250 -14.15 27.03 -6.53
N GLY A 251 -14.18 26.53 -7.76
CA GLY A 251 -13.49 27.20 -8.86
C GLY A 251 -13.62 26.52 -10.20
N ALA A 252 -13.17 27.21 -11.25
CA ALA A 252 -13.22 26.66 -12.60
C ALA A 252 -12.19 27.28 -13.53
N GLY A 253 -11.71 26.46 -14.47
CA GLY A 253 -10.79 26.88 -15.52
C GLY A 253 -11.35 26.42 -16.86
N LEU A 254 -11.59 27.35 -17.78
CA LEU A 254 -12.27 27.05 -19.04
C LEU A 254 -11.48 27.55 -20.24
N ASP A 255 -11.20 26.64 -21.18
CA ASP A 255 -10.60 27.00 -22.46
C ASP A 255 -11.67 27.09 -23.56
N VAL A 256 -12.86 26.60 -23.29
CA VAL A 256 -13.93 26.49 -24.30
C VAL A 256 -15.27 26.91 -23.71
N PHE A 257 -16.19 27.36 -24.58
CA PHE A 257 -17.45 27.99 -24.17
C PHE A 257 -18.58 27.67 -25.16
N GLU A 258 -19.82 27.85 -24.71
CA GLU A 258 -21.03 27.52 -25.50
C GLU A 258 -21.13 28.31 -26.81
N ASN A 259 -20.80 29.61 -26.76
CA ASN A 259 -20.92 30.47 -27.96
C ASN A 259 -19.70 31.35 -28.17
N GLU A 260 -18.58 30.70 -28.48
CA GLU A 260 -17.31 31.40 -28.69
C GLU A 260 -17.44 32.36 -29.88
N PRO A 261 -16.81 33.55 -29.84
CA PRO A 261 -15.93 34.03 -28.77
C PRO A 261 -16.62 34.77 -27.61
N ASN A 262 -17.94 34.62 -27.47
CA ASN A 262 -18.68 35.30 -26.42
C ASN A 262 -18.60 34.54 -25.11
N VAL A 263 -18.13 35.21 -24.06
CA VAL A 263 -18.11 34.67 -22.71
C VAL A 263 -19.05 35.55 -21.89
N PRO A 264 -20.01 34.94 -21.17
CA PRO A 264 -20.92 35.78 -20.39
C PRO A 264 -20.22 36.62 -19.32
N GLU A 265 -20.71 37.85 -19.14
CA GLU A 265 -20.15 38.80 -18.17
C GLU A 265 -20.03 38.23 -16.76
N ALA A 266 -21.00 37.41 -16.37
CA ALA A 266 -21.00 36.76 -15.05
C ALA A 266 -19.78 35.87 -14.83
N LEU A 267 -19.36 35.12 -15.86
CA LEU A 267 -18.14 34.30 -15.77
C LEU A 267 -16.88 35.14 -15.61
N LEU A 268 -16.87 36.31 -16.23
CA LEU A 268 -15.74 37.24 -16.13
C LEU A 268 -15.59 37.88 -14.72
N SER A 269 -16.69 37.93 -13.96
CA SER A 269 -16.70 38.60 -12.67
C SER A 269 -15.97 37.84 -11.53
N PHE A 270 -15.90 36.52 -11.63
CA PHE A 270 -15.44 35.69 -10.51
C PHE A 270 -13.91 35.82 -10.30
N PRO A 271 -13.46 35.95 -9.04
CA PRO A 271 -12.02 35.90 -8.72
C PRO A 271 -11.39 34.49 -8.69
N ASN A 272 -12.23 33.45 -8.71
CA ASN A 272 -11.81 32.04 -8.58
C ASN A 272 -11.91 31.25 -9.89
N VAL A 273 -11.84 31.98 -11.01
CA VAL A 273 -12.05 31.41 -12.35
C VAL A 273 -10.93 31.86 -13.29
N SER A 274 -10.38 30.90 -14.02
CA SER A 274 -9.43 31.19 -15.10
C SER A 274 -10.07 30.93 -16.46
N LEU A 275 -9.87 31.85 -17.40
CA LEU A 275 -10.49 31.81 -18.70
C LEU A 275 -9.46 31.99 -19.79
N LEU A 276 -9.50 31.09 -20.78
CA LEU A 276 -8.59 31.17 -21.94
C LEU A 276 -9.41 31.12 -23.24
N PRO A 277 -8.96 31.85 -24.29
CA PRO A 277 -9.67 31.91 -25.57
C PRO A 277 -9.39 30.74 -26.52
N HIS A 278 -9.73 29.54 -26.08
CA HIS A 278 -9.57 28.31 -26.85
C HIS A 278 -8.16 28.13 -27.38
N VAL A 279 -7.19 28.12 -26.46
CA VAL A 279 -5.76 28.08 -26.80
C VAL A 279 -5.06 26.74 -26.62
N ALA A 280 -5.79 25.68 -26.28
CA ALA A 280 -5.09 24.45 -25.88
C ALA A 280 -4.05 23.90 -26.87
N SER A 281 -4.27 24.04 -28.17
CA SER A 281 -3.28 23.62 -29.18
C SER A 281 -2.53 24.78 -29.85
N ALA A 282 -2.72 26.00 -29.37
CA ALA A 282 -2.39 27.21 -30.12
C ALA A 282 -0.94 27.68 -29.97
N SER A 283 0.01 26.78 -30.21
CA SER A 283 1.42 27.14 -30.41
C SER A 283 1.69 27.13 -31.91
N VAL A 284 2.72 27.88 -32.32
CA VAL A 284 3.21 27.84 -33.71
C VAL A 284 3.55 26.41 -34.15
N VAL A 285 4.39 25.71 -33.38
CA VAL A 285 4.83 24.35 -33.80
C VAL A 285 3.65 23.37 -33.93
N THR A 286 2.69 23.42 -33.01
CA THR A 286 1.57 22.47 -33.02
C THR A 286 0.54 22.80 -34.09
N ARG A 287 0.26 24.09 -34.28
CA ARG A 287 -0.63 24.49 -35.38
C ARG A 287 0.00 24.24 -36.76
N ASN A 288 1.32 24.37 -36.87
CA ASN A 288 2.03 23.96 -38.07
C ASN A 288 1.85 22.47 -38.37
N ALA A 289 1.97 21.63 -37.33
CA ALA A 289 1.75 20.17 -37.47
C ALA A 289 0.31 19.83 -37.83
N MET A 290 -0.65 20.55 -37.24
CA MET A 290 -2.07 20.40 -37.62
C MET A 290 -2.34 20.79 -39.06
N SER A 291 -1.78 21.92 -39.50
CA SER A 291 -1.85 22.34 -40.89
C SER A 291 -1.28 21.30 -41.86
N ASP A 292 -0.10 20.76 -41.52
CA ASP A 292 0.54 19.74 -42.34
C ASP A 292 -0.34 18.52 -42.48
N LEU A 293 -0.98 18.08 -41.39
CA LEU A 293 -1.82 16.89 -41.41
C LEU A 293 -3.11 17.10 -42.24
N VAL A 294 -3.71 18.30 -42.18
CA VAL A 294 -4.84 18.64 -43.07
C VAL A 294 -4.45 18.50 -44.55
N VAL A 295 -3.33 19.11 -44.93
CA VAL A 295 -2.86 19.04 -46.31
C VAL A 295 -2.43 17.61 -46.70
N ASP A 296 -1.70 16.93 -45.83
CA ASP A 296 -1.22 15.58 -46.13
C ASP A 296 -2.38 14.58 -46.26
N ASN A 297 -3.46 14.77 -45.49
CA ASN A 297 -4.71 14.01 -45.70
C ASN A 297 -5.28 14.17 -47.10
N LEU A 298 -5.40 15.41 -47.55
CA LEU A 298 -5.90 15.71 -48.90
C LEU A 298 -4.98 15.13 -49.98
N LYS A 299 -3.66 15.31 -49.82
CA LYS A 299 -2.68 14.73 -50.77
C LYS A 299 -2.75 13.22 -50.82
N ALA A 300 -2.83 12.58 -49.66
CA ALA A 300 -2.96 11.11 -49.62
C ALA A 300 -4.22 10.61 -50.30
N TRP A 301 -5.35 11.28 -50.02
CA TRP A 301 -6.65 10.93 -50.63
C TRP A 301 -6.63 11.00 -52.14
N PHE A 302 -6.19 12.12 -52.69
CA PHE A 302 -6.20 12.31 -54.12
C PHE A 302 -5.09 11.50 -54.83
N SER A 303 -3.96 11.24 -54.18
CA SER A 303 -2.87 10.47 -54.83
C SER A 303 -2.96 8.94 -54.67
N THR A 304 -3.42 8.47 -53.52
CA THR A 304 -3.49 7.02 -53.21
C THR A 304 -4.91 6.47 -53.03
N GLY A 305 -5.89 7.34 -52.79
CA GLY A 305 -7.25 6.92 -52.46
C GLY A 305 -7.50 6.54 -51.01
N GLU A 306 -6.49 6.71 -50.16
CA GLU A 306 -6.60 6.40 -48.74
C GLU A 306 -6.15 7.62 -47.94
N ALA A 307 -7.04 8.15 -47.11
CA ALA A 307 -6.72 9.24 -46.20
C ALA A 307 -5.76 8.76 -45.09
N LEU A 308 -5.09 9.71 -44.44
CA LEU A 308 -4.18 9.38 -43.33
C LEU A 308 -4.97 9.16 -42.04
N THR A 309 -5.88 10.09 -41.73
CA THR A 309 -6.65 10.08 -40.48
C THR A 309 -8.16 10.33 -40.70
N PRO A 310 -8.82 9.43 -41.45
CA PRO A 310 -10.27 9.54 -41.57
C PRO A 310 -10.93 9.34 -40.19
N VAL A 311 -12.08 9.96 -39.98
CA VAL A 311 -12.82 9.82 -38.73
C VAL A 311 -13.53 8.47 -38.70
N ALA A 312 -13.87 7.99 -37.51
CA ALA A 312 -14.51 6.67 -37.34
C ALA A 312 -15.77 6.53 -38.17
N GLU A 313 -16.55 7.59 -38.31
CA GLU A 313 -17.80 7.57 -39.06
C GLU A 313 -17.66 7.39 -40.58
N THR A 314 -16.47 7.63 -41.12
CA THR A 314 -16.23 7.58 -42.56
C THR A 314 -14.96 6.80 -42.91
N PRO A 315 -14.98 5.46 -42.71
CA PRO A 315 -13.84 4.64 -43.08
C PRO A 315 -13.88 4.34 -44.59
N PHE A 316 -13.74 5.41 -45.40
CA PHE A 316 -13.98 5.34 -46.84
C PHE A 316 -12.66 5.31 -47.62
N ARG A 317 -12.71 4.72 -48.82
CA ARG A 317 -11.62 4.77 -49.79
C ARG A 317 -12.15 5.44 -51.05
N ARG A 318 -11.26 6.13 -51.77
CA ARG A 318 -11.67 6.93 -52.91
C ARG A 318 -12.12 6.06 -54.09
N ARG A 319 -13.27 6.41 -54.66
CA ARG A 319 -13.69 5.92 -55.97
C ARG A 319 -13.66 7.13 -56.89
N ALA A 320 -12.79 7.11 -57.89
CA ALA A 320 -12.72 8.26 -58.83
C ALA A 320 -13.82 8.19 -59.88
N ILE A 321 -14.38 9.36 -60.23
CA ILE A 321 -15.41 9.54 -61.27
C ILE A 321 -16.79 9.06 -60.80
N MET B 2 12.43 27.79 33.25
CA MET B 2 12.00 26.36 33.04
C MET B 2 10.63 26.25 32.35
N SER B 3 9.64 26.96 32.89
CA SER B 3 8.25 26.83 32.47
C SER B 3 8.00 27.35 31.04
N ARG B 4 7.67 28.62 30.82
CA ARG B 4 7.53 29.14 29.45
C ARG B 4 8.60 30.04 28.77
N PRO B 5 9.37 29.47 27.81
CA PRO B 5 10.35 30.30 27.08
C PRO B 5 9.68 31.42 26.29
N ARG B 6 10.41 32.52 26.11
CA ARG B 6 9.89 33.67 25.38
C ARG B 6 10.43 33.65 23.95
N ILE B 7 9.51 33.71 22.99
CA ILE B 7 9.82 33.69 21.56
C ILE B 7 9.54 35.05 20.92
N LEU B 8 10.55 35.65 20.30
CA LEU B 8 10.36 36.88 19.53
C LEU B 8 9.89 36.56 18.12
N VAL B 9 8.88 37.28 17.65
CA VAL B 9 8.51 37.28 16.25
C VAL B 9 8.64 38.70 15.71
N PRO B 10 9.65 38.96 14.86
CA PRO B 10 9.76 40.26 14.22
C PRO B 10 9.01 40.35 12.89
N GLY B 11 8.18 41.37 12.73
CA GLY B 11 7.51 41.63 11.45
C GLY B 11 6.40 40.65 11.18
N LYS B 12 6.07 40.50 9.91
CA LYS B 12 4.97 39.65 9.49
C LYS B 12 5.32 38.18 9.52
N ILE B 13 4.38 37.37 9.98
CA ILE B 13 4.49 35.92 9.89
C ILE B 13 3.08 35.35 9.77
N ASN B 14 2.98 34.15 9.24
CA ASN B 14 1.69 33.48 9.13
C ASN B 14 1.02 33.39 10.51
N PRO B 15 -0.24 33.86 10.65
CA PRO B 15 -0.98 33.78 11.93
C PRO B 15 -1.05 32.41 12.60
N ARG B 16 -0.98 31.35 11.82
CA ARG B 16 -0.88 29.99 12.34
C ARG B 16 0.34 29.78 13.28
N VAL B 17 1.46 30.40 12.95
CA VAL B 17 2.62 30.41 13.88
C VAL B 17 2.20 31.05 15.20
N LEU B 18 1.63 32.25 15.10
CA LEU B 18 1.21 32.99 16.28
C LEU B 18 0.17 32.24 17.12
N GLU B 19 -0.76 31.59 16.44
CA GLU B 19 -1.81 30.80 17.08
C GLU B 19 -1.30 29.62 17.88
N ARG B 20 -0.24 28.98 17.39
CA ARG B 20 0.30 27.76 18.00
C ARG B 20 1.42 27.96 19.02
N LEU B 21 2.16 29.06 18.94
CA LEU B 21 3.18 29.38 19.96
C LEU B 21 2.72 29.32 21.44
N PRO B 22 1.46 29.77 21.77
CA PRO B 22 0.92 29.62 23.13
C PRO B 22 0.79 28.20 23.68
N GLU B 23 0.89 27.16 22.85
CA GLU B 23 0.98 25.78 23.32
C GLU B 23 2.12 25.55 24.34
N MET B 24 3.22 26.28 24.19
CA MET B 24 4.36 26.17 25.10
C MET B 24 5.05 27.50 25.49
N PHE B 25 4.79 28.59 24.76
CA PHE B 25 5.65 29.78 24.80
C PHE B 25 4.91 31.06 25.10
N GLU B 26 5.67 32.05 25.56
CA GLU B 26 5.23 33.44 25.57
C GLU B 26 5.76 34.08 24.29
N THR B 27 4.90 34.85 23.61
CA THR B 27 5.27 35.49 22.35
C THR B 27 5.58 36.97 22.57
N VAL B 28 6.66 37.46 21.96
CA VAL B 28 7.03 38.86 21.97
C VAL B 28 7.06 39.35 20.52
N ARG B 29 6.22 40.34 20.20
CA ARG B 29 6.17 40.85 18.83
C ARG B 29 6.83 42.22 18.71
N ILE B 30 7.54 42.42 17.61
CA ILE B 30 8.00 43.75 17.18
C ILE B 30 7.58 43.92 15.72
N GLU B 31 7.24 45.15 15.34
CA GLU B 31 6.62 45.42 14.01
C GLU B 31 7.55 45.27 12.82
N ARG B 32 8.85 45.43 13.04
CA ARG B 32 9.86 45.28 11.99
C ARG B 32 11.03 44.51 12.57
N ALA B 33 11.81 43.87 11.70
CA ALA B 33 13.03 43.18 12.11
C ALA B 33 14.13 44.21 12.29
N ASP B 34 14.10 44.91 13.42
CA ASP B 34 14.95 46.06 13.69
C ASP B 34 15.36 46.08 15.16
N ALA B 35 16.66 46.06 15.41
CA ALA B 35 17.25 46.08 16.77
C ALA B 35 16.83 47.29 17.59
N ALA B 36 16.62 48.42 16.93
CA ALA B 36 16.15 49.66 17.60
C ALA B 36 14.78 49.52 18.29
N LEU B 37 13.97 48.54 17.87
CA LEU B 37 12.69 48.25 18.54
C LEU B 37 12.78 47.34 19.77
N VAL B 38 13.97 46.80 20.04
CA VAL B 38 14.15 45.91 21.19
C VAL B 38 14.22 46.74 22.48
N THR B 39 13.40 46.36 23.46
CA THR B 39 13.37 47.05 24.76
C THR B 39 14.13 46.23 25.79
N ALA B 40 14.40 46.86 26.93
CA ALA B 40 15.10 46.21 28.04
C ALA B 40 14.38 44.93 28.55
N ASP B 41 13.05 44.99 28.60
CA ASP B 41 12.16 43.87 29.00
C ASP B 41 12.25 42.61 28.08
N MET B 42 12.73 42.80 26.84
CA MET B 42 12.90 41.69 25.89
C MET B 42 14.24 40.93 25.98
N ARG B 43 15.13 41.34 26.88
CA ARG B 43 16.47 40.73 26.96
C ARG B 43 16.50 39.25 27.42
N ASP B 44 15.40 38.71 27.93
CA ASP B 44 15.30 37.31 28.29
C ASP B 44 14.79 36.37 27.17
N VAL B 45 14.58 36.89 25.96
CA VAL B 45 14.10 36.07 24.83
C VAL B 45 15.02 34.88 24.57
N SER B 46 14.43 33.69 24.47
CA SER B 46 15.14 32.41 24.24
C SER B 46 15.14 31.93 22.78
N GLY B 47 14.14 32.35 22.01
CA GLY B 47 14.00 31.90 20.63
C GLY B 47 13.43 32.97 19.73
N ILE B 48 13.68 32.81 18.43
CA ILE B 48 13.13 33.67 17.39
C ILE B 48 12.42 32.78 16.37
N ALA B 49 11.24 33.23 15.93
CA ALA B 49 10.58 32.70 14.74
C ALA B 49 10.49 33.82 13.72
N VAL B 50 10.99 33.59 12.51
CA VAL B 50 11.14 34.66 11.52
C VAL B 50 10.90 34.18 10.07
N SER B 51 10.22 35.04 9.29
CA SER B 51 10.15 34.91 7.84
C SER B 51 10.96 36.02 7.19
N GLY B 52 11.93 35.65 6.36
CA GLY B 52 12.75 36.63 5.63
C GLY B 52 14.04 36.98 6.35
N LYS B 53 14.33 38.27 6.44
CA LYS B 53 15.63 38.73 6.94
C LYS B 53 15.69 38.79 8.46
N LEU B 54 16.80 38.32 9.03
CA LEU B 54 17.10 38.51 10.44
C LEU B 54 18.42 39.24 10.54
N PRO B 55 18.37 40.59 10.65
CA PRO B 55 19.62 41.35 10.76
C PRO B 55 20.46 40.91 11.97
N VAL B 56 21.78 40.86 11.78
CA VAL B 56 22.72 40.46 12.83
C VAL B 56 22.59 41.30 14.12
N PRO B 57 22.44 42.64 14.01
CA PRO B 57 22.24 43.43 15.24
C PRO B 57 20.95 43.05 16.02
N LEU B 58 19.90 42.62 15.32
CA LEU B 58 18.70 42.13 16.01
C LEU B 58 18.97 40.78 16.69
N MET B 59 19.53 39.84 15.94
CA MET B 59 19.92 38.54 16.49
C MET B 59 20.83 38.70 17.72
N ASP B 60 21.80 39.60 17.61
CA ASP B 60 22.77 39.84 18.69
C ASP B 60 22.29 40.72 19.85
N ALA B 61 21.05 41.22 19.77
CA ALA B 61 20.43 41.93 20.89
C ALA B 61 19.95 40.99 22.01
N PHE B 62 20.04 39.67 21.81
CA PHE B 62 19.50 38.68 22.74
C PHE B 62 20.60 37.73 23.27
N PRO B 63 21.18 38.06 24.47
CA PRO B 63 22.22 37.20 25.07
C PRO B 63 21.81 35.75 25.35
N SER B 64 20.53 35.52 25.63
CA SER B 64 20.01 34.17 25.94
C SER B 64 19.41 33.43 24.73
N LEU B 65 19.60 33.95 23.52
CA LEU B 65 19.06 33.32 22.31
C LEU B 65 19.64 31.92 22.10
N GLU B 66 18.75 30.94 21.90
CA GLU B 66 19.13 29.54 21.69
C GLU B 66 18.88 29.03 20.27
N ILE B 67 17.82 29.55 19.63
CA ILE B 67 17.28 28.96 18.44
C ILE B 67 16.64 30.04 17.56
N VAL B 68 16.94 29.99 16.25
CA VAL B 68 16.19 30.73 15.23
C VAL B 68 15.43 29.72 14.38
N ALA B 69 14.09 29.76 14.47
CA ALA B 69 13.26 28.92 13.61
C ALA B 69 12.82 29.73 12.40
N ASN B 70 13.46 29.43 11.26
CA ASN B 70 13.23 30.07 9.97
C ASN B 70 12.01 29.49 9.27
N PHE B 71 11.12 30.38 8.85
CA PHE B 71 9.91 30.04 8.08
C PHE B 71 10.35 30.01 6.61
N GLY B 72 10.42 28.81 6.05
CA GLY B 72 10.96 28.59 4.69
C GLY B 72 12.09 27.58 4.68
N VAL B 73 12.25 26.89 3.55
CA VAL B 73 13.36 25.95 3.38
C VAL B 73 14.66 26.70 3.09
N GLY B 74 14.57 27.78 2.33
CA GLY B 74 15.66 28.76 2.21
C GLY B 74 15.82 29.57 3.50
N TYR B 75 17.07 29.76 3.93
CA TYR B 75 17.36 30.50 5.20
C TYR B 75 18.51 31.49 5.03
N ASP B 76 18.69 31.96 3.80
CA ASP B 76 19.75 32.91 3.47
C ASP B 76 19.57 34.29 4.11
N GLY B 77 18.37 34.59 4.62
CA GLY B 77 18.13 35.77 5.43
C GLY B 77 18.65 35.73 6.87
N VAL B 78 19.03 34.54 7.32
CA VAL B 78 19.69 34.36 8.62
C VAL B 78 21.19 34.27 8.38
N ASP B 79 21.98 34.99 9.18
CA ASP B 79 23.43 34.86 9.13
C ASP B 79 23.82 33.60 9.92
N VAL B 80 23.81 32.48 9.22
CA VAL B 80 24.07 31.18 9.83
C VAL B 80 25.50 31.02 10.37
N SER B 81 26.47 31.69 9.74
CA SER B 81 27.86 31.68 10.23
C SER B 81 27.97 32.29 11.60
N ARG B 82 27.31 33.43 11.77
CA ARG B 82 27.27 34.14 13.04
C ARG B 82 26.45 33.38 14.09
N ALA B 83 25.33 32.78 13.65
CA ALA B 83 24.55 31.91 14.52
C ALA B 83 25.38 30.73 15.06
N ALA B 84 26.06 30.03 14.16
CA ALA B 84 26.92 28.89 14.54
C ALA B 84 28.01 29.32 15.52
N ALA B 85 28.63 30.47 15.26
CA ALA B 85 29.68 31.03 16.13
C ALA B 85 29.20 31.35 17.54
N ARG B 86 27.91 31.64 17.70
CA ARG B 86 27.27 31.83 19.00
C ARG B 86 26.64 30.56 19.59
N GLY B 87 26.77 29.43 18.90
CA GLY B 87 26.11 28.18 19.32
C GLY B 87 24.59 28.19 19.24
N ILE B 88 24.04 29.02 18.36
CA ILE B 88 22.60 29.15 18.15
C ILE B 88 22.19 28.22 17.02
N VAL B 89 21.25 27.33 17.32
CA VAL B 89 20.72 26.40 16.32
C VAL B 89 19.78 27.16 15.39
N VAL B 90 19.86 26.86 14.10
CA VAL B 90 18.96 27.41 13.11
C VAL B 90 18.17 26.24 12.53
N THR B 91 16.85 26.40 12.42
CA THR B 91 15.99 25.39 11.79
C THR B 91 15.26 26.01 10.58
N ASN B 92 14.91 25.17 9.63
CA ASN B 92 14.22 25.59 8.41
C ASN B 92 12.98 24.72 8.21
N THR B 93 12.30 24.86 7.07
CA THR B 93 11.07 24.07 6.80
C THR B 93 11.17 23.31 5.47
N PRO B 94 12.04 22.27 5.41
CA PRO B 94 12.11 21.44 4.24
C PRO B 94 10.94 20.47 4.14
N ASP B 95 10.79 19.88 2.97
CA ASP B 95 9.91 18.72 2.71
C ASP B 95 8.42 19.02 2.63
N VAL B 96 7.89 19.76 3.60
CA VAL B 96 6.46 20.10 3.65
C VAL B 96 5.98 21.04 2.54
N LEU B 97 6.91 21.66 1.83
CA LEU B 97 6.60 22.52 0.69
C LEU B 97 7.13 22.03 -0.67
N THR B 98 7.75 20.85 -0.71
CA THR B 98 8.48 20.39 -1.91
C THR B 98 7.56 20.26 -3.12
N GLU B 99 6.46 19.55 -2.93
CA GLU B 99 5.52 19.28 -4.00
C GLU B 99 4.81 20.55 -4.48
N GLU B 100 4.41 21.40 -3.55
CA GLU B 100 3.81 22.71 -3.85
C GLU B 100 4.71 23.57 -4.74
N VAL B 101 5.97 23.70 -4.34
CA VAL B 101 6.95 24.50 -5.08
C VAL B 101 7.20 23.92 -6.48
N ALA B 102 7.28 22.59 -6.56
CA ALA B 102 7.44 21.90 -7.83
C ALA B 102 6.25 22.16 -8.75
N ASP B 103 5.04 22.18 -8.17
CA ASP B 103 3.82 22.51 -8.92
C ASP B 103 3.91 23.95 -9.51
N THR B 104 4.31 24.91 -8.69
CA THR B 104 4.47 26.30 -9.16
C THR B 104 5.52 26.41 -10.26
N ALA B 105 6.63 25.71 -10.10
CA ALA B 105 7.66 25.69 -11.15
C ALA B 105 7.11 25.25 -12.52
N ILE B 106 6.33 24.18 -12.55
CA ILE B 106 5.74 23.72 -13.82
C ILE B 106 4.74 24.75 -14.33
N GLY B 107 3.89 25.27 -13.45
CA GLY B 107 2.92 26.30 -13.84
C GLY B 107 3.59 27.52 -14.50
N LEU B 108 4.64 28.01 -13.87
CA LEU B 108 5.43 29.13 -14.38
C LEU B 108 6.11 28.81 -15.70
N LEU B 109 6.63 27.59 -15.82
CA LEU B 109 7.21 27.13 -17.08
C LEU B 109 6.18 27.17 -18.21
N LEU B 110 5.00 26.61 -17.96
CA LEU B 110 3.92 26.54 -18.97
C LEU B 110 3.37 27.92 -19.33
N ASN B 111 3.19 28.76 -18.31
CA ASN B 111 2.82 30.16 -18.52
C ASN B 111 3.83 30.95 -19.36
N THR B 112 5.12 30.72 -19.12
CA THR B 112 6.20 31.36 -19.87
C THR B 112 6.19 30.91 -21.35
N LEU B 113 6.09 29.61 -21.58
CA LEU B 113 6.18 29.06 -22.93
C LEU B 113 4.92 29.32 -23.76
N ARG B 114 3.75 29.18 -23.15
CA ARG B 114 2.49 29.24 -23.89
C ARG B 114 1.71 30.55 -23.68
N LEU B 115 2.26 31.45 -22.85
CA LEU B 115 1.73 32.79 -22.67
C LEU B 115 0.29 32.79 -22.14
N LEU B 116 -0.03 31.82 -21.28
CA LEU B 116 -1.41 31.65 -20.79
C LEU B 116 -1.97 32.86 -20.03
N PRO B 117 -1.16 33.51 -19.16
CA PRO B 117 -1.65 34.75 -18.53
C PRO B 117 -2.01 35.87 -19.52
N GLN B 118 -1.16 36.05 -20.52
CA GLN B 118 -1.40 37.02 -21.57
C GLN B 118 -2.65 36.65 -22.39
N ALA B 119 -2.83 35.35 -22.67
CA ALA B 119 -4.04 34.88 -23.37
C ALA B 119 -5.30 35.17 -22.58
N GLU B 120 -5.26 34.96 -21.27
CA GLU B 120 -6.37 35.29 -20.39
C GLU B 120 -6.66 36.81 -20.39
N GLN B 121 -5.62 37.63 -20.33
CA GLN B 121 -5.79 39.09 -20.44
C GLN B 121 -6.43 39.52 -21.76
N TRP B 122 -6.00 38.91 -22.85
CA TRP B 122 -6.60 39.15 -24.19
C TRP B 122 -8.10 38.94 -24.18
N LEU B 123 -8.53 37.82 -23.59
CA LEU B 123 -9.95 37.51 -23.43
C LEU B 123 -10.66 38.49 -22.51
N ARG B 124 -10.11 38.68 -21.31
CA ARG B 124 -10.74 39.57 -20.32
C ARG B 124 -10.86 41.04 -20.76
N GLN B 125 -9.93 41.50 -21.60
CA GLN B 125 -9.99 42.86 -22.13
C GLN B 125 -10.91 43.01 -23.36
N GLY B 126 -11.62 41.96 -23.75
CA GLY B 126 -12.56 42.03 -24.88
C GLY B 126 -11.94 41.89 -26.26
N ARG B 127 -10.67 41.46 -26.33
CA ARG B 127 -9.95 41.38 -27.61
C ARG B 127 -10.31 40.15 -28.47
N TRP B 128 -10.79 39.09 -27.84
CA TRP B 128 -11.24 37.89 -28.58
C TRP B 128 -12.41 38.22 -29.49
N VAL B 129 -13.29 39.10 -29.01
CA VAL B 129 -14.46 39.51 -29.76
C VAL B 129 -14.08 40.45 -30.92
N ARG B 130 -13.28 41.49 -30.65
CA ARG B 130 -13.00 42.51 -31.67
C ARG B 130 -11.89 42.12 -32.63
N GLU B 131 -10.81 41.55 -32.09
CA GLU B 131 -9.61 41.27 -32.86
C GLU B 131 -9.38 39.79 -33.18
N GLY B 132 -10.21 38.90 -32.65
CA GLY B 132 -10.13 37.48 -32.95
C GLY B 132 -9.12 36.74 -32.07
N ALA B 133 -8.60 35.65 -32.62
CA ALA B 133 -7.75 34.73 -31.84
C ALA B 133 -6.52 35.41 -31.23
N PHE B 134 -6.21 35.03 -29.99
CA PHE B 134 -4.93 35.36 -29.37
C PHE B 134 -3.82 34.85 -30.29
N PRO B 135 -2.74 35.65 -30.50
CA PRO B 135 -1.65 35.16 -31.34
C PRO B 135 -1.10 33.79 -30.89
N LEU B 136 -0.69 32.98 -31.86
CA LEU B 136 -0.07 31.71 -31.58
C LEU B 136 1.22 31.94 -30.78
N SER B 137 1.47 31.12 -29.79
CA SER B 137 2.67 31.30 -28.96
C SER B 137 3.87 30.83 -29.78
N PRO B 138 4.93 31.67 -29.88
CA PRO B 138 6.09 31.20 -30.65
C PRO B 138 6.76 29.98 -30.03
N LEU B 139 6.62 29.80 -28.72
CA LEU B 139 7.25 28.72 -28.02
C LEU B 139 6.26 27.63 -27.58
N SER B 140 6.84 26.49 -27.21
CA SER B 140 6.12 25.32 -26.73
C SER B 140 7.07 24.51 -25.84
N LEU B 141 6.51 23.68 -24.97
CA LEU B 141 7.29 22.66 -24.26
C LEU B 141 7.73 21.51 -25.17
N ARG B 142 6.97 21.28 -26.24
CA ARG B 142 7.18 20.12 -27.10
C ARG B 142 8.58 20.18 -27.70
N GLY B 143 9.32 19.07 -27.56
CA GLY B 143 10.67 18.94 -28.11
C GLY B 143 11.78 19.59 -27.29
N ARG B 144 11.46 20.12 -26.10
CA ARG B 144 12.47 20.83 -25.30
C ARG B 144 13.36 19.90 -24.49
N THR B 145 14.51 20.45 -24.11
CA THR B 145 15.51 19.75 -23.31
C THR B 145 15.73 20.62 -22.09
N VAL B 146 15.39 20.09 -20.92
CA VAL B 146 15.40 20.85 -19.68
C VAL B 146 16.64 20.52 -18.86
N GLY B 147 17.33 21.57 -18.42
CA GLY B 147 18.48 21.45 -17.51
C GLY B 147 18.12 22.03 -16.15
N LEU B 148 18.21 21.21 -15.10
CA LEU B 148 17.95 21.67 -13.73
C LEU B 148 19.26 22.08 -13.04
N PHE B 149 19.35 23.36 -12.68
CA PHE B 149 20.44 23.88 -11.86
C PHE B 149 19.99 23.68 -10.42
N GLY B 150 20.53 22.63 -9.79
CA GLY B 150 20.03 22.14 -8.52
C GLY B 150 19.13 20.93 -8.72
N LEU B 151 19.34 19.88 -7.94
CA LEU B 151 18.54 18.64 -8.05
C LEU B 151 18.33 18.02 -6.67
N GLY B 152 17.91 18.85 -5.73
CA GLY B 152 17.71 18.43 -4.36
C GLY B 152 16.29 17.97 -4.15
N ARG B 153 15.73 18.33 -3.00
CA ARG B 153 14.36 17.98 -2.67
C ARG B 153 13.42 18.51 -3.78
N ILE B 154 13.51 19.79 -4.07
CA ILE B 154 12.58 20.45 -5.00
C ILE B 154 12.98 20.17 -6.44
N GLY B 155 14.26 20.26 -6.76
CA GLY B 155 14.75 19.98 -8.13
C GLY B 155 14.36 18.60 -8.63
N LEU B 156 14.49 17.58 -7.77
CA LEU B 156 14.07 16.23 -8.13
C LEU B 156 12.56 16.12 -8.35
N ALA B 157 11.77 16.75 -7.47
CA ALA B 157 10.32 16.79 -7.61
C ALA B 157 9.88 17.46 -8.92
N ILE B 158 10.61 18.48 -9.34
CA ILE B 158 10.41 19.10 -10.65
C ILE B 158 10.76 18.13 -11.79
N ALA B 159 11.92 17.47 -11.70
CA ALA B 159 12.31 16.44 -12.66
C ALA B 159 11.28 15.34 -12.81
N ARG B 160 10.71 14.88 -11.69
CA ARG B 160 9.67 13.82 -11.72
C ARG B 160 8.45 14.23 -12.54
N ARG B 161 8.03 15.48 -12.37
CA ARG B 161 6.94 16.04 -13.17
C ARG B 161 7.31 16.10 -14.65
N LEU B 162 8.48 16.65 -14.94
CA LEU B 162 8.96 16.78 -16.32
C LEU B 162 9.09 15.47 -17.09
N GLU B 163 9.43 14.38 -16.39
CA GLU B 163 9.45 13.04 -16.99
C GLU B 163 8.12 12.68 -17.66
N ALA B 164 7.00 13.07 -17.05
CA ALA B 164 5.68 12.79 -17.59
C ALA B 164 5.25 13.70 -18.75
N PHE B 165 6.01 14.78 -19.01
CA PHE B 165 5.78 15.69 -20.13
C PHE B 165 6.54 15.31 -21.40
N GLY B 166 7.33 14.24 -21.36
CA GLY B 166 8.01 13.74 -22.54
C GLY B 166 9.14 14.63 -23.03
N VAL B 167 9.86 15.25 -22.09
CA VAL B 167 11.02 16.09 -22.42
C VAL B 167 12.31 15.46 -21.87
N SER B 168 13.42 15.75 -22.52
CA SER B 168 14.73 15.31 -22.05
C SER B 168 15.13 16.13 -20.83
N ILE B 169 15.81 15.49 -19.87
CA ILE B 169 16.16 16.08 -18.59
C ILE B 169 17.65 15.92 -18.30
N ALA B 170 18.30 17.03 -17.92
CA ALA B 170 19.68 17.03 -17.46
C ALA B 170 19.78 17.84 -16.18
N TYR B 171 20.91 17.76 -15.48
CA TYR B 171 21.08 18.55 -14.27
C TYR B 171 22.54 18.89 -13.96
N HIS B 172 22.70 19.97 -13.20
CA HIS B 172 24.00 20.39 -12.71
C HIS B 172 23.93 20.64 -11.21
N THR B 173 24.76 19.88 -10.49
CA THR B 173 25.02 20.06 -9.06
C THR B 173 26.53 19.96 -8.86
N ARG B 174 27.04 20.30 -7.68
CA ARG B 174 28.48 20.16 -7.40
C ARG B 174 28.90 18.68 -7.34
N THR B 175 28.01 17.85 -6.81
CA THR B 175 28.20 16.40 -6.72
C THR B 175 27.06 15.70 -7.45
N PRO B 176 27.37 14.73 -8.36
CA PRO B 176 26.28 13.99 -9.02
C PRO B 176 25.45 13.13 -8.05
N ARG B 177 24.18 12.91 -8.39
CA ARG B 177 23.27 12.01 -7.63
C ARG B 177 23.17 10.66 -8.34
N GLU B 178 23.69 9.61 -7.69
CA GLU B 178 23.75 8.27 -8.27
C GLU B 178 22.40 7.57 -8.19
N GLY B 179 22.14 6.70 -9.17
CA GLY B 179 20.91 5.92 -9.24
C GLY B 179 19.81 6.51 -10.11
N LEU B 180 19.92 7.79 -10.45
CA LEU B 180 18.94 8.47 -11.29
C LEU B 180 19.42 8.45 -12.73
N GLY B 181 18.47 8.34 -13.66
CA GLY B 181 18.77 8.25 -15.09
C GLY B 181 18.91 9.56 -15.84
N PHE B 182 19.14 10.67 -15.12
CA PHE B 182 19.29 11.99 -15.75
C PHE B 182 20.76 12.29 -16.06
N THR B 183 20.99 13.01 -17.14
CA THR B 183 22.35 13.36 -17.56
C THR B 183 22.94 14.41 -16.62
N TYR B 184 24.04 14.07 -15.94
CA TYR B 184 24.76 15.02 -15.08
C TYR B 184 25.70 15.88 -15.92
N HIS B 185 25.76 17.17 -15.59
CA HIS B 185 26.76 18.08 -16.15
C HIS B 185 27.62 18.65 -15.03
N PRO B 186 28.96 18.48 -15.11
CA PRO B 186 29.84 19.02 -14.06
C PRO B 186 29.98 20.55 -14.04
N THR B 187 29.57 21.23 -15.12
CA THR B 187 29.56 22.69 -15.15
C THR B 187 28.19 23.21 -15.57
N LEU B 188 27.82 24.38 -15.05
CA LEU B 188 26.54 25.02 -15.39
C LEU B 188 26.52 25.46 -16.85
N VAL B 189 27.59 26.13 -17.28
CA VAL B 189 27.72 26.60 -18.67
C VAL B 189 27.67 25.44 -19.68
N GLY B 190 28.27 24.30 -19.32
CA GLY B 190 28.21 23.09 -20.12
C GLY B 190 26.80 22.55 -20.26
N MET B 191 26.05 22.53 -19.16
CA MET B 191 24.65 22.13 -19.21
C MET B 191 23.85 23.10 -20.08
N ALA B 192 24.07 24.40 -19.85
CA ALA B 192 23.39 25.44 -20.64
C ALA B 192 23.61 25.28 -22.14
N GLU B 193 24.84 24.98 -22.55
CA GLU B 193 25.14 24.66 -23.95
C GLU B 193 24.27 23.51 -24.49
N ALA B 194 24.10 22.47 -23.66
CA ALA B 194 23.38 21.26 -24.05
C ALA B 194 21.85 21.37 -24.06
N VAL B 195 21.29 22.32 -23.31
CA VAL B 195 19.82 22.42 -23.13
C VAL B 195 19.25 23.69 -23.77
N ASP B 196 17.93 23.74 -23.88
CA ASP B 196 17.24 24.99 -24.30
C ASP B 196 16.32 25.57 -23.22
N THR B 197 16.31 24.96 -22.04
CA THR B 197 15.41 25.35 -20.95
C THR B 197 16.15 25.14 -19.63
N LEU B 198 16.35 26.21 -18.87
CA LEU B 198 17.15 26.19 -17.64
C LEU B 198 16.25 26.55 -16.47
N ILE B 199 16.11 25.62 -15.52
CA ILE B 199 15.31 25.84 -14.31
C ILE B 199 16.25 25.97 -13.11
N VAL B 200 16.17 27.11 -12.41
CA VAL B 200 17.06 27.42 -11.28
C VAL B 200 16.36 27.10 -9.97
N ILE B 201 16.94 26.17 -9.22
CA ILE B 201 16.37 25.74 -7.95
C ILE B 201 17.50 25.37 -6.98
N VAL B 202 18.44 26.30 -6.84
CA VAL B 202 19.54 26.19 -5.86
C VAL B 202 19.29 27.18 -4.71
N PRO B 203 19.96 26.98 -3.55
CA PRO B 203 19.87 28.03 -2.53
C PRO B 203 20.62 29.31 -2.92
N GLY B 204 20.29 30.40 -2.23
CA GLY B 204 20.94 31.69 -2.45
C GLY B 204 22.14 31.85 -1.54
N THR B 205 23.26 31.27 -1.96
CA THR B 205 24.52 31.30 -1.21
C THR B 205 25.59 32.09 -1.98
N ALA B 206 26.74 32.30 -1.35
CA ALA B 206 27.90 32.89 -2.01
C ALA B 206 28.30 32.09 -3.28
N SER B 207 28.17 30.76 -3.23
CA SER B 207 28.58 29.89 -4.35
C SER B 207 27.67 29.98 -5.58
N THR B 208 26.40 30.34 -5.39
CA THR B 208 25.46 30.48 -6.52
C THR B 208 25.20 31.94 -6.92
N LEU B 209 25.84 32.89 -6.23
CA LEU B 209 25.61 34.32 -6.47
C LEU B 209 25.94 34.68 -7.92
N LYS B 210 24.93 35.17 -8.66
CA LYS B 210 25.05 35.48 -10.09
C LYS B 210 25.68 34.37 -10.93
N ALA B 211 25.39 33.12 -10.57
CA ALA B 211 25.89 31.98 -11.33
C ALA B 211 25.27 31.98 -12.75
N VAL B 212 24.01 32.37 -12.84
CA VAL B 212 23.34 32.55 -14.14
C VAL B 212 23.71 33.95 -14.66
N ASN B 213 24.80 33.99 -15.43
CA ASN B 213 25.39 35.23 -15.93
C ASN B 213 25.33 35.33 -17.46
N ALA B 214 25.96 36.36 -18.03
CA ALA B 214 25.97 36.56 -19.48
C ALA B 214 26.43 35.33 -20.27
N ASP B 215 27.50 34.68 -19.82
CA ASP B 215 28.02 33.47 -20.48
C ASP B 215 27.02 32.30 -20.48
N VAL B 216 26.38 32.07 -19.34
CA VAL B 216 25.40 30.98 -19.21
C VAL B 216 24.19 31.24 -20.11
N LEU B 217 23.72 32.48 -20.13
CA LEU B 217 22.58 32.87 -20.98
C LEU B 217 22.90 32.80 -22.47
N SER B 218 24.10 33.23 -22.85
CA SER B 218 24.58 33.11 -24.23
C SER B 218 24.64 31.64 -24.65
N ALA B 219 25.20 30.80 -23.78
CA ALA B 219 25.26 29.35 -24.01
C ALA B 219 23.88 28.70 -24.11
N LEU B 220 22.94 29.15 -23.27
CA LEU B 220 21.56 28.65 -23.32
C LEU B 220 20.95 28.80 -24.72
N GLY B 221 21.16 29.96 -25.33
CA GLY B 221 20.92 30.15 -26.76
C GLY B 221 19.59 30.77 -27.13
N PRO B 222 19.37 31.00 -28.44
CA PRO B 222 18.24 31.80 -28.93
C PRO B 222 16.84 31.16 -28.86
N LYS B 223 16.76 29.85 -28.56
CA LYS B 223 15.49 29.23 -28.17
C LYS B 223 15.38 29.10 -26.65
N GLY B 224 16.33 29.71 -25.94
CA GLY B 224 16.51 29.52 -24.51
C GLY B 224 15.41 30.12 -23.66
N VAL B 225 14.96 29.35 -22.70
CA VAL B 225 14.00 29.83 -21.68
C VAL B 225 14.60 29.59 -20.28
N LEU B 226 14.65 30.65 -19.48
CA LEU B 226 15.12 30.62 -18.10
C LEU B 226 13.94 30.67 -17.12
N ILE B 227 13.88 29.73 -16.19
CA ILE B 227 12.87 29.74 -15.12
C ILE B 227 13.63 29.84 -13.80
N ASN B 228 13.31 30.84 -12.99
CA ASN B 228 13.91 30.95 -11.65
C ASN B 228 12.85 30.84 -10.56
N VAL B 229 12.93 29.75 -9.81
CA VAL B 229 12.12 29.57 -8.59
C VAL B 229 12.98 29.38 -7.33
N GLY B 230 14.27 29.71 -7.42
CA GLY B 230 15.20 29.51 -6.29
C GLY B 230 15.31 30.80 -5.50
N ARG B 231 16.39 31.53 -5.77
CA ARG B 231 16.60 32.88 -5.22
C ARG B 231 17.03 33.82 -6.34
N GLY B 232 16.56 35.06 -6.25
CA GLY B 232 16.87 36.07 -7.27
C GLY B 232 18.35 36.43 -7.36
N SER B 233 19.07 36.31 -6.23
CA SER B 233 20.52 36.53 -6.20
C SER B 233 21.31 35.64 -7.15
N THR B 234 20.79 34.45 -7.43
CA THR B 234 21.46 33.49 -8.31
C THR B 234 21.54 33.98 -9.77
N VAL B 235 20.59 34.81 -10.19
CA VAL B 235 20.56 35.35 -11.55
C VAL B 235 21.18 36.76 -11.59
N ASP B 236 22.04 37.00 -12.59
CA ASP B 236 22.54 38.34 -12.88
C ASP B 236 21.42 39.08 -13.59
N GLU B 237 20.63 39.80 -12.80
CA GLU B 237 19.38 40.39 -13.30
C GLU B 237 19.61 41.37 -14.45
N ALA B 238 20.67 42.19 -14.34
CA ALA B 238 21.08 43.11 -15.39
C ALA B 238 21.42 42.39 -16.70
N ALA B 239 22.21 41.32 -16.60
CA ALA B 239 22.56 40.49 -17.76
C ALA B 239 21.34 39.80 -18.39
N LEU B 240 20.38 39.38 -17.57
CA LEU B 240 19.13 38.81 -18.08
C LEU B 240 18.35 39.82 -18.93
N VAL B 241 18.24 41.06 -18.43
CA VAL B 241 17.54 42.13 -19.17
C VAL B 241 18.19 42.38 -20.53
N THR B 242 19.53 42.47 -20.55
CA THR B 242 20.28 42.62 -21.79
C THR B 242 20.03 41.46 -22.75
N ALA B 243 20.13 40.23 -22.23
CA ALA B 243 19.91 39.02 -23.03
C ALA B 243 18.51 38.99 -23.64
N LEU B 244 17.50 39.39 -22.87
CA LEU B 244 16.12 39.49 -23.37
C LEU B 244 15.96 40.60 -24.41
N GLN B 245 16.56 41.76 -24.15
CA GLN B 245 16.55 42.88 -25.10
C GLN B 245 17.15 42.50 -26.45
N ASN B 246 18.30 41.82 -26.42
CA ASN B 246 19.06 41.47 -27.64
C ASN B 246 18.52 40.24 -28.38
N GLY B 247 17.62 39.48 -27.75
CA GLY B 247 17.14 38.22 -28.32
C GLY B 247 18.11 37.06 -28.15
N THR B 248 19.09 37.23 -27.26
CA THR B 248 20.07 36.19 -26.92
C THR B 248 19.38 34.94 -26.38
N ILE B 249 18.32 35.15 -25.58
CA ILE B 249 17.40 34.08 -25.18
C ILE B 249 15.97 34.41 -25.61
N ALA B 250 15.11 33.39 -25.60
CA ALA B 250 13.75 33.50 -26.14
C ALA B 250 12.68 33.89 -25.11
N GLY B 251 12.94 33.66 -23.84
CA GLY B 251 11.97 34.01 -22.79
C GLY B 251 12.41 33.70 -21.37
N ALA B 252 11.61 34.14 -20.41
CA ALA B 252 11.92 33.89 -18.99
C ALA B 252 10.67 33.92 -18.11
N GLY B 253 10.70 33.11 -17.06
CA GLY B 253 9.67 33.08 -16.03
C GLY B 253 10.35 33.18 -14.66
N LEU B 254 9.99 34.20 -13.89
CA LEU B 254 10.70 34.49 -12.62
C LEU B 254 9.72 34.61 -11.44
N ASP B 255 9.97 33.83 -10.40
CA ASP B 255 9.23 33.93 -9.13
C ASP B 255 10.03 34.74 -8.08
N VAL B 256 11.30 34.96 -8.36
CA VAL B 256 12.22 35.59 -7.41
C VAL B 256 13.12 36.62 -8.11
N PHE B 257 13.60 37.61 -7.35
CA PHE B 257 14.30 38.78 -7.90
C PHE B 257 15.39 39.26 -6.94
N GLU B 258 16.33 40.04 -7.48
CA GLU B 258 17.49 40.55 -6.70
C GLU B 258 17.09 41.41 -5.51
N ASN B 259 16.09 42.26 -5.70
CA ASN B 259 15.68 43.19 -4.67
C ASN B 259 14.17 43.29 -4.52
N GLU B 260 13.58 42.19 -4.06
CA GLU B 260 12.14 42.08 -3.88
C GLU B 260 11.68 43.12 -2.84
N PRO B 261 10.50 43.73 -3.02
CA PRO B 261 9.53 43.47 -4.09
C PRO B 261 9.73 44.30 -5.36
N ASN B 262 10.91 44.90 -5.55
CA ASN B 262 11.16 45.76 -6.69
C ASN B 262 11.57 44.92 -7.88
N VAL B 263 10.83 45.07 -8.97
CA VAL B 263 11.14 44.46 -10.25
C VAL B 263 11.45 45.57 -11.23
N PRO B 264 12.61 45.51 -11.92
CA PRO B 264 12.93 46.64 -12.81
C PRO B 264 11.92 46.81 -13.94
N GLU B 265 11.64 48.06 -14.30
CA GLU B 265 10.68 48.41 -15.35
C GLU B 265 10.94 47.69 -16.67
N ALA B 266 12.22 47.50 -17.00
CA ALA B 266 12.62 46.81 -18.23
C ALA B 266 12.11 45.36 -18.29
N LEU B 267 12.16 44.66 -17.16
CA LEU B 267 11.61 43.30 -17.08
C LEU B 267 10.09 43.27 -17.28
N LEU B 268 9.41 44.30 -16.81
CA LEU B 268 7.95 44.42 -16.97
C LEU B 268 7.51 44.71 -18.42
N SER B 269 8.41 45.26 -19.24
CA SER B 269 8.10 45.62 -20.62
C SER B 269 7.94 44.44 -21.60
N PHE B 270 8.61 43.33 -21.33
CA PHE B 270 8.75 42.25 -22.32
C PHE B 270 7.46 41.46 -22.47
N PRO B 271 7.06 41.14 -23.72
CA PRO B 271 5.90 40.28 -23.97
C PRO B 271 6.18 38.77 -23.81
N ASN B 272 7.45 38.38 -23.68
CA ASN B 272 7.89 36.97 -23.59
C ASN B 272 8.36 36.55 -22.18
N VAL B 273 7.86 37.26 -21.16
CA VAL B 273 8.29 37.07 -19.79
C VAL B 273 7.09 36.95 -18.86
N SER B 274 7.13 35.94 -17.98
CA SER B 274 6.15 35.80 -16.90
C SER B 274 6.78 36.11 -15.54
N LEU B 275 6.06 36.88 -14.74
CA LEU B 275 6.56 37.36 -13.47
C LEU B 275 5.57 37.04 -12.35
N LEU B 276 6.08 36.46 -11.26
CA LEU B 276 5.26 36.17 -10.07
C LEU B 276 5.91 36.75 -8.81
N PRO B 277 5.09 37.24 -7.85
CA PRO B 277 5.60 37.82 -6.60
C PRO B 277 5.99 36.80 -5.50
N HIS B 278 6.96 35.94 -5.82
CA HIS B 278 7.48 34.96 -4.90
C HIS B 278 6.39 34.08 -4.26
N VAL B 279 5.63 33.41 -5.13
CA VAL B 279 4.46 32.64 -4.72
C VAL B 279 4.64 31.12 -4.70
N ALA B 280 5.85 30.60 -4.92
CA ALA B 280 5.98 29.17 -5.18
C ALA B 280 5.40 28.23 -4.10
N SER B 281 5.41 28.63 -2.82
CA SER B 281 4.79 27.85 -1.74
C SER B 281 3.50 28.45 -1.18
N ALA B 282 3.00 29.51 -1.81
CA ALA B 282 2.00 30.38 -1.21
C ALA B 282 0.53 29.93 -1.39
N SER B 283 0.24 28.68 -1.02
CA SER B 283 -1.14 28.21 -0.76
C SER B 283 -1.41 28.16 0.75
N VAL B 284 -2.69 28.22 1.12
CA VAL B 284 -3.12 28.08 2.52
C VAL B 284 -2.62 26.77 3.13
N VAL B 285 -2.87 25.64 2.47
CA VAL B 285 -2.46 24.33 3.03
C VAL B 285 -0.94 24.22 3.24
N THR B 286 -0.15 24.68 2.26
CA THR B 286 1.30 24.57 2.36
C THR B 286 1.92 25.54 3.37
N ARG B 287 1.40 26.76 3.43
CA ARG B 287 1.85 27.73 4.42
C ARG B 287 1.44 27.32 5.84
N ASN B 288 0.29 26.68 5.98
CA ASN B 288 -0.11 26.06 7.25
C ASN B 288 0.88 24.98 7.71
N ALA B 289 1.30 24.12 6.78
CA ALA B 289 2.30 23.08 7.07
C ALA B 289 3.66 23.68 7.45
N MET B 290 4.06 24.73 6.75
CA MET B 290 5.28 25.45 7.08
C MET B 290 5.23 26.08 8.45
N SER B 291 4.10 26.72 8.76
CA SER B 291 3.86 27.26 10.10
C SER B 291 3.95 26.21 11.20
N ASP B 292 3.31 25.06 10.96
CA ASP B 292 3.36 23.95 11.92
C ASP B 292 4.79 23.48 12.17
N LEU B 293 5.59 23.37 11.12
CA LEU B 293 6.98 22.90 11.26
C LEU B 293 7.88 23.89 12.01
N VAL B 294 7.67 25.19 11.79
CA VAL B 294 8.35 26.23 12.60
C VAL B 294 8.07 26.02 14.09
N VAL B 295 6.79 25.93 14.44
CA VAL B 295 6.38 25.79 15.84
C VAL B 295 6.85 24.43 16.41
N ASP B 296 6.67 23.35 15.65
CA ASP B 296 7.07 22.02 16.13
C ASP B 296 8.59 21.91 16.33
N ASN B 297 9.39 22.60 15.52
CA ASN B 297 10.84 22.74 15.76
C ASN B 297 11.16 23.38 17.12
N LEU B 298 10.51 24.50 17.42
CA LEU B 298 10.68 25.17 18.71
C LEU B 298 10.22 24.28 19.89
N LYS B 299 9.07 23.62 19.74
CA LYS B 299 8.57 22.71 20.78
C LYS B 299 9.51 21.52 21.01
N ALA B 300 10.01 20.92 19.94
CA ALA B 300 10.96 19.82 20.05
C ALA B 300 12.27 20.24 20.72
N TRP B 301 12.81 21.40 20.32
CA TRP B 301 14.02 21.95 20.93
C TRP B 301 13.90 22.16 22.43
N PHE B 302 12.86 22.86 22.85
CA PHE B 302 12.72 23.18 24.26
C PHE B 302 12.28 21.97 25.11
N SER B 303 11.57 21.00 24.53
CA SER B 303 11.10 19.83 25.30
C SER B 303 12.06 18.63 25.30
N THR B 304 12.76 18.39 24.20
CA THR B 304 13.68 17.24 24.06
C THR B 304 15.16 17.63 23.89
N GLY B 305 15.44 18.88 23.51
CA GLY B 305 16.80 19.31 23.21
C GLY B 305 17.28 18.99 21.81
N GLU B 306 16.41 18.44 20.97
CA GLU B 306 16.73 18.09 19.59
C GLU B 306 15.67 18.71 18.68
N ALA B 307 16.11 19.57 17.75
CA ALA B 307 15.23 20.14 16.74
C ALA B 307 14.78 19.07 15.75
N LEU B 308 13.71 19.37 15.01
CA LEU B 308 13.22 18.43 13.98
C LEU B 308 14.02 18.58 12.69
N THR B 309 14.22 19.82 12.24
CA THR B 309 14.89 20.11 10.96
C THR B 309 15.94 21.22 11.10
N PRO B 310 17.00 20.95 11.90
CA PRO B 310 18.09 21.91 11.96
C PRO B 310 18.78 21.98 10.61
N VAL B 311 19.38 23.11 10.28
CA VAL B 311 20.14 23.26 9.04
C VAL B 311 21.50 22.59 9.19
N ALA B 312 22.11 22.24 8.05
CA ALA B 312 23.40 21.55 8.02
C ALA B 312 24.49 22.26 8.81
N GLU B 313 24.48 23.60 8.79
CA GLU B 313 25.50 24.39 9.48
C GLU B 313 25.41 24.35 11.02
N THR B 314 24.27 23.92 11.59
CA THR B 314 24.05 23.91 13.02
C THR B 314 23.46 22.59 13.51
N PRO B 315 24.27 21.51 13.51
CA PRO B 315 23.79 20.23 14.01
C PRO B 315 23.92 20.17 15.53
N PHE B 316 23.19 21.04 16.20
CA PHE B 316 23.37 21.29 17.62
C PHE B 316 22.31 20.56 18.45
N ARG B 317 22.66 20.29 19.69
CA ARG B 317 21.72 19.82 20.70
C ARG B 317 21.70 20.82 21.85
N ARG B 318 20.55 20.94 22.52
CA ARG B 318 20.36 21.97 23.54
C ARG B 318 21.20 21.67 24.79
N ARG B 319 21.90 22.70 25.26
CA ARG B 319 22.50 22.72 26.60
C ARG B 319 21.79 23.80 27.42
N ALA B 320 21.25 23.41 28.56
CA ALA B 320 20.56 24.34 29.45
C ALA B 320 20.99 24.07 30.87
N SER C 3 -23.15 14.07 35.58
CA SER C 3 -23.88 12.75 35.69
C SER C 3 -23.27 11.65 34.79
N ARG C 4 -21.98 11.38 35.05
CA ARG C 4 -21.20 10.21 34.57
C ARG C 4 -22.07 8.99 34.79
N PRO C 5 -22.44 8.28 33.71
CA PRO C 5 -23.23 7.07 33.89
C PRO C 5 -22.52 6.01 34.73
N ARG C 6 -23.30 5.21 35.45
CA ARG C 6 -22.75 4.15 36.29
C ARG C 6 -22.84 2.81 35.56
N ILE C 7 -21.69 2.13 35.44
CA ILE C 7 -21.57 0.85 34.80
C ILE C 7 -21.30 -0.26 35.85
N LEU C 8 -22.16 -1.29 35.85
CA LEU C 8 -21.94 -2.47 36.67
C LEU C 8 -21.03 -3.46 35.94
N VAL C 9 -20.04 -3.99 36.64
CA VAL C 9 -19.26 -5.12 36.17
C VAL C 9 -19.41 -6.26 37.18
N PRO C 10 -20.15 -7.32 36.81
CA PRO C 10 -20.27 -8.49 37.70
C PRO C 10 -19.20 -9.54 37.44
N GLY C 11 -18.49 -9.97 38.48
CA GLY C 11 -17.52 -11.05 38.35
C GLY C 11 -16.27 -10.61 37.61
N LYS C 12 -15.54 -11.58 37.04
CA LYS C 12 -14.24 -11.31 36.44
C LYS C 12 -14.38 -10.67 35.08
N ILE C 13 -13.50 -9.73 34.80
CA ILE C 13 -13.35 -9.17 33.47
C ILE C 13 -11.90 -8.74 33.28
N ASN C 14 -11.46 -8.62 32.03
CA ASN C 14 -10.11 -8.15 31.74
C ASN C 14 -9.88 -6.78 32.37
N PRO C 15 -8.78 -6.60 33.14
CA PRO C 15 -8.46 -5.32 33.82
C PRO C 15 -8.39 -4.10 32.92
N ARG C 16 -8.06 -4.30 31.65
CA ARG C 16 -8.16 -3.25 30.64
C ARG C 16 -9.55 -2.60 30.57
N VAL C 17 -10.61 -3.40 30.68
CA VAL C 17 -11.98 -2.84 30.73
C VAL C 17 -12.05 -1.88 31.93
N LEU C 18 -11.66 -2.40 33.10
CA LEU C 18 -11.74 -1.64 34.36
C LEU C 18 -10.88 -0.39 34.33
N GLU C 19 -9.72 -0.48 33.72
CA GLU C 19 -8.82 0.64 33.53
C GLU C 19 -9.38 1.77 32.67
N ARG C 20 -10.13 1.43 31.64
CA ARG C 20 -10.62 2.41 30.67
C ARG C 20 -12.01 3.01 30.99
N LEU C 21 -12.85 2.28 31.72
CA LEU C 21 -14.18 2.77 32.12
C LEU C 21 -14.18 4.17 32.76
N PRO C 22 -13.17 4.50 33.60
CA PRO C 22 -13.04 5.86 34.16
C PRO C 22 -12.88 7.01 33.15
N GLU C 23 -12.58 6.72 31.87
CA GLU C 23 -12.60 7.76 30.81
C GLU C 23 -13.94 8.51 30.72
N MET C 24 -15.04 7.82 31.04
CA MET C 24 -16.38 8.41 31.01
C MET C 24 -17.34 8.00 32.14
N PHE C 25 -17.03 6.94 32.89
CA PHE C 25 -18.04 6.27 33.73
C PHE C 25 -17.59 6.09 35.18
N GLU C 26 -18.58 5.89 36.05
CA GLU C 26 -18.37 5.35 37.37
C GLU C 26 -18.58 3.85 37.27
N THR C 27 -17.71 3.07 37.92
CA THR C 27 -17.78 1.63 37.88
C THR C 27 -18.34 1.09 39.19
N VAL C 28 -19.25 0.11 39.09
CA VAL C 28 -19.81 -0.59 40.24
C VAL C 28 -19.48 -2.06 40.10
N ARG C 29 -18.74 -2.61 41.05
CA ARG C 29 -18.34 -4.01 40.97
C ARG C 29 -19.13 -4.86 41.95
N ILE C 30 -19.51 -6.07 41.50
CA ILE C 30 -19.98 -7.12 42.39
C ILE C 30 -19.18 -8.39 42.05
N GLU C 31 -18.89 -9.21 43.06
CA GLU C 31 -17.94 -10.32 42.92
C GLU C 31 -18.47 -11.51 42.11
N ARG C 32 -19.79 -11.64 42.03
CA ARG C 32 -20.44 -12.70 41.23
C ARG C 32 -21.60 -12.08 40.47
N ALA C 33 -22.00 -12.72 39.37
CA ALA C 33 -23.17 -12.29 38.61
C ALA C 33 -24.41 -12.81 39.31
N ASP C 34 -24.81 -12.14 40.38
CA ASP C 34 -25.86 -12.59 41.27
C ASP C 34 -26.67 -11.39 41.77
N ALA C 35 -27.99 -11.43 41.53
CA ALA C 35 -28.92 -10.37 41.93
C ALA C 35 -28.95 -10.12 43.43
N ALA C 36 -28.70 -11.16 44.23
CA ALA C 36 -28.65 -11.05 45.69
C ALA C 36 -27.54 -10.10 46.20
N LEU C 37 -26.51 -9.87 45.39
CA LEU C 37 -25.45 -8.90 45.73
C LEU C 37 -25.79 -7.44 45.39
N VAL C 38 -26.90 -7.19 44.72
CA VAL C 38 -27.28 -5.83 44.33
C VAL C 38 -27.84 -5.10 45.55
N THR C 39 -27.30 -3.91 45.83
CA THR C 39 -27.74 -3.09 46.96
C THR C 39 -28.66 -1.97 46.45
N ALA C 40 -29.33 -1.31 47.39
CA ALA C 40 -30.24 -0.21 47.08
C ALA C 40 -29.54 0.96 46.34
N ASP C 41 -28.31 1.25 46.74
CA ASP C 41 -27.44 2.24 46.10
C ASP C 41 -27.09 2.01 44.62
N MET C 42 -27.17 0.76 44.17
CA MET C 42 -26.88 0.38 42.78
C MET C 42 -28.06 0.54 41.82
N ARG C 43 -29.23 0.96 42.30
CA ARG C 43 -30.44 1.04 41.45
C ARG C 43 -30.41 2.09 40.33
N ASP C 44 -29.43 2.99 40.35
CA ASP C 44 -29.24 3.97 39.26
C ASP C 44 -28.30 3.52 38.12
N VAL C 45 -27.82 2.28 38.15
CA VAL C 45 -26.91 1.76 37.11
C VAL C 45 -27.54 1.89 35.71
N SER C 46 -26.78 2.46 34.78
CA SER C 46 -27.20 2.69 33.38
C SER C 46 -26.69 1.65 32.38
N GLY C 47 -25.59 0.99 32.69
CA GLY C 47 -24.98 0.01 31.79
C GLY C 47 -24.31 -1.14 32.50
N ILE C 48 -24.15 -2.24 31.79
CA ILE C 48 -23.44 -3.42 32.27
C ILE C 48 -22.35 -3.77 31.27
N ALA C 49 -21.17 -4.10 31.79
CA ALA C 49 -20.11 -4.77 31.03
C ALA C 49 -19.88 -6.14 31.64
N VAL C 50 -19.94 -7.20 30.82
CA VAL C 50 -19.95 -8.56 31.33
C VAL C 50 -19.23 -9.54 30.40
N SER C 51 -18.49 -10.47 31.00
CA SER C 51 -17.96 -11.66 30.34
C SER C 51 -18.70 -12.91 30.86
N GLY C 52 -19.34 -13.65 29.98
CA GLY C 52 -20.03 -14.90 30.33
C GLY C 52 -21.51 -14.71 30.59
N LYS C 53 -21.99 -15.26 31.71
CA LYS C 53 -23.42 -15.29 31.99
C LYS C 53 -23.93 -13.98 32.62
N LEU C 54 -25.08 -13.51 32.13
CA LEU C 54 -25.82 -12.43 32.79
C LEU C 54 -27.23 -12.95 33.14
N PRO C 55 -27.40 -13.45 34.37
CA PRO C 55 -28.74 -13.95 34.76
C PRO C 55 -29.81 -12.88 34.64
N VAL C 56 -31.00 -13.27 34.18
CA VAL C 56 -32.14 -12.36 34.01
C VAL C 56 -32.52 -11.59 35.29
N PRO C 57 -32.55 -12.26 36.46
CA PRO C 57 -32.82 -11.50 37.68
C PRO C 57 -31.80 -10.40 37.99
N LEU C 58 -30.53 -10.60 37.60
CA LEU C 58 -29.52 -9.55 37.76
C LEU C 58 -29.79 -8.41 36.78
N MET C 59 -29.97 -8.75 35.50
CA MET C 59 -30.30 -7.75 34.48
C MET C 59 -31.54 -6.95 34.86
N ASP C 60 -32.56 -7.64 35.37
CA ASP C 60 -33.83 -7.01 35.75
C ASP C 60 -33.84 -6.32 37.12
N ALA C 61 -32.72 -6.37 37.84
CA ALA C 61 -32.56 -5.57 39.08
C ALA C 61 -32.32 -4.07 38.82
N PHE C 62 -32.18 -3.67 37.55
CA PHE C 62 -31.79 -2.31 37.18
C PHE C 62 -32.85 -1.64 36.28
N PRO C 63 -33.78 -0.87 36.87
CA PRO C 63 -34.82 -0.16 36.09
C PRO C 63 -34.30 0.81 35.04
N SER C 64 -33.13 1.43 35.28
CA SER C 64 -32.54 2.40 34.36
C SER C 64 -31.51 1.81 33.37
N LEU C 65 -31.43 0.48 33.29
CA LEU C 65 -30.46 -0.16 32.39
C LEU C 65 -30.76 0.18 30.95
N GLU C 66 -29.71 0.62 30.23
CA GLU C 66 -29.81 0.99 28.81
C GLU C 66 -29.06 0.06 27.86
N ILE C 67 -27.96 -0.53 28.35
CA ILE C 67 -27.00 -1.21 27.49
C ILE C 67 -26.28 -2.34 28.24
N VAL C 68 -26.17 -3.50 27.60
CA VAL C 68 -25.27 -4.59 28.04
C VAL C 68 -24.15 -4.73 27.01
N ALA C 69 -22.93 -4.40 27.41
CA ALA C 69 -21.76 -4.59 26.56
C ALA C 69 -21.09 -5.92 26.89
N ASN C 70 -21.32 -6.91 26.01
CA ASN C 70 -20.83 -8.25 26.15
C ASN C 70 -19.38 -8.36 25.66
N PHE C 71 -18.54 -8.94 26.51
CA PHE C 71 -17.15 -9.21 26.21
C PHE C 71 -17.12 -10.56 25.50
N GLY C 72 -16.86 -10.53 24.20
CA GLY C 72 -16.89 -11.72 23.35
C GLY C 72 -17.81 -11.52 22.18
N VAL C 73 -17.53 -12.22 21.09
CA VAL C 73 -18.41 -12.17 19.93
C VAL C 73 -19.66 -13.02 20.17
N GLY C 74 -19.50 -14.13 20.85
CA GLY C 74 -20.63 -14.91 21.37
C GLY C 74 -21.29 -14.19 22.54
N TYR C 75 -22.62 -14.15 22.55
CA TYR C 75 -23.38 -13.46 23.61
C TYR C 75 -24.55 -14.31 24.16
N ASP C 76 -24.41 -15.61 24.06
CA ASP C 76 -25.47 -16.54 24.46
C ASP C 76 -25.71 -16.52 25.97
N GLY C 77 -24.77 -15.97 26.74
CA GLY C 77 -24.96 -15.76 28.16
C GLY C 77 -25.86 -14.60 28.53
N VAL C 78 -26.20 -13.76 27.56
CA VAL C 78 -27.16 -12.67 27.73
C VAL C 78 -28.50 -13.11 27.16
N ASP C 79 -29.58 -12.89 27.91
CA ASP C 79 -30.93 -13.18 27.41
C ASP C 79 -31.35 -12.01 26.53
N VAL C 80 -30.96 -12.11 25.27
CA VAL C 80 -31.21 -11.06 24.29
C VAL C 80 -32.71 -10.81 23.99
N SER C 81 -33.53 -11.86 24.08
CA SER C 81 -34.99 -11.72 23.90
C SER C 81 -35.59 -10.82 24.96
N ARG C 82 -35.18 -11.05 26.21
CA ARG C 82 -35.62 -10.26 27.34
C ARG C 82 -35.04 -8.84 27.27
N ALA C 83 -33.77 -8.72 26.87
CA ALA C 83 -33.15 -7.41 26.66
C ALA C 83 -33.93 -6.59 25.61
N ALA C 84 -34.20 -7.19 24.46
CA ALA C 84 -34.96 -6.53 23.38
C ALA C 84 -36.35 -6.09 23.86
N ALA C 85 -37.04 -6.96 24.60
CA ALA C 85 -38.35 -6.66 25.19
C ALA C 85 -38.36 -5.46 26.15
N ARG C 86 -37.23 -5.21 26.81
CA ARG C 86 -37.05 -4.03 27.67
C ARG C 86 -36.46 -2.80 26.94
N GLY C 87 -36.22 -2.91 25.64
CA GLY C 87 -35.54 -1.86 24.86
C GLY C 87 -34.06 -1.63 25.22
N ILE C 88 -33.40 -2.67 25.75
CA ILE C 88 -31.99 -2.62 26.16
C ILE C 88 -31.12 -3.09 24.99
N VAL C 89 -30.19 -2.24 24.57
CA VAL C 89 -29.26 -2.59 23.51
C VAL C 89 -28.21 -3.57 24.06
N VAL C 90 -27.85 -4.59 23.26
CA VAL C 90 -26.78 -5.53 23.58
C VAL C 90 -25.70 -5.36 22.53
N THR C 91 -24.46 -5.25 22.97
CA THR C 91 -23.32 -5.15 22.05
C THR C 91 -22.40 -6.35 22.28
N ASN C 92 -21.67 -6.72 21.25
CA ASN C 92 -20.68 -7.82 21.34
C ASN C 92 -19.33 -7.35 20.80
N THR C 93 -18.38 -8.26 20.64
CA THR C 93 -17.03 -7.91 20.15
C THR C 93 -16.61 -8.74 18.93
N PRO C 94 -17.26 -8.49 17.77
CA PRO C 94 -16.87 -9.18 16.54
C PRO C 94 -15.61 -8.59 15.96
N ASP C 95 -15.04 -9.33 15.01
CA ASP C 95 -13.99 -8.85 14.10
C ASP C 95 -12.58 -8.75 14.70
N VAL C 96 -12.46 -8.10 15.85
CA VAL C 96 -11.17 -7.91 16.53
C VAL C 96 -10.52 -9.19 17.05
N LEU C 97 -11.27 -10.29 17.09
CA LEU C 97 -10.76 -11.61 17.49
C LEU C 97 -10.81 -12.68 16.41
N THR C 98 -11.23 -12.34 15.19
CA THR C 98 -11.50 -13.33 14.15
C THR C 98 -10.26 -14.14 13.78
N GLU C 99 -9.19 -13.42 13.46
CA GLU C 99 -7.95 -14.03 13.02
C GLU C 99 -7.31 -14.85 14.13
N GLU C 100 -7.32 -14.32 15.35
CA GLU C 100 -6.81 -15.02 16.54
C GLU C 100 -7.49 -16.36 16.76
N VAL C 101 -8.82 -16.35 16.71
CA VAL C 101 -9.64 -17.56 16.91
C VAL C 101 -9.39 -18.58 15.78
N ALA C 102 -9.31 -18.10 14.55
CA ALA C 102 -8.95 -18.94 13.41
C ALA C 102 -7.57 -19.59 13.58
N ASP C 103 -6.61 -18.83 14.09
CA ASP C 103 -5.29 -19.37 14.42
C ASP C 103 -5.37 -20.52 15.43
N THR C 104 -6.11 -20.31 16.52
CA THR C 104 -6.26 -21.35 17.54
C THR C 104 -6.91 -22.60 16.94
N ALA C 105 -7.93 -22.41 16.12
CA ALA C 105 -8.62 -23.53 15.48
C ALA C 105 -7.64 -24.42 14.69
N ILE C 106 -6.77 -23.80 13.91
CA ILE C 106 -5.74 -24.58 13.18
C ILE C 106 -4.78 -25.27 14.13
N GLY C 107 -4.31 -24.54 15.14
CA GLY C 107 -3.39 -25.10 16.15
C GLY C 107 -3.95 -26.37 16.81
N LEU C 108 -5.21 -26.26 17.25
CA LEU C 108 -5.93 -27.36 17.88
C LEU C 108 -6.12 -28.52 16.92
N LEU C 109 -6.46 -28.21 15.67
CA LEU C 109 -6.57 -29.24 14.63
C LEU C 109 -5.26 -30.02 14.46
N LEU C 110 -4.15 -29.30 14.29
CA LEU C 110 -2.81 -29.90 14.13
C LEU C 110 -2.35 -30.68 15.37
N ASN C 111 -2.60 -30.13 16.56
CA ASN C 111 -2.33 -30.84 17.81
C ASN C 111 -3.13 -32.15 17.95
N THR C 112 -4.40 -32.11 17.54
CA THR C 112 -5.27 -33.29 17.58
C THR C 112 -4.77 -34.38 16.63
N LEU C 113 -4.46 -33.99 15.40
CA LEU C 113 -4.04 -34.95 14.36
C LEU C 113 -2.63 -35.52 14.58
N ARG C 114 -1.69 -34.66 14.97
CA ARG C 114 -0.28 -35.03 14.99
C ARG C 114 0.24 -35.26 16.42
N LEU C 115 -0.63 -35.07 17.41
CA LEU C 115 -0.32 -35.40 18.80
C LEU C 115 0.89 -34.62 19.31
N LEU C 116 1.03 -33.37 18.87
CA LEU C 116 2.19 -32.57 19.25
C LEU C 116 2.33 -32.32 20.76
N PRO C 117 1.22 -32.03 21.48
CA PRO C 117 1.36 -31.90 22.94
C PRO C 117 1.89 -33.16 23.63
N GLN C 118 1.40 -34.31 23.19
CA GLN C 118 1.84 -35.60 23.72
C GLN C 118 3.30 -35.86 23.35
N ALA C 119 3.71 -35.50 22.12
CA ALA C 119 5.12 -35.59 21.72
C ALA C 119 6.02 -34.72 22.60
N GLU C 120 5.57 -33.52 22.91
CA GLU C 120 6.30 -32.62 23.81
C GLU C 120 6.42 -33.22 25.24
N GLN C 121 5.34 -33.81 25.74
CA GLN C 121 5.36 -34.51 27.02
C GLN C 121 6.35 -35.69 27.04
N TRP C 122 6.36 -36.48 25.97
CA TRP C 122 7.34 -37.56 25.80
C TRP C 122 8.78 -37.06 25.97
N LEU C 123 9.10 -35.95 25.32
CA LEU C 123 10.41 -35.31 25.44
C LEU C 123 10.67 -34.78 26.85
N ARG C 124 9.75 -33.99 27.37
CA ARG C 124 9.93 -33.37 28.71
C ARG C 124 10.02 -34.38 29.86
N GLN C 125 9.39 -35.54 29.70
CA GLN C 125 9.47 -36.59 30.72
C GLN C 125 10.71 -37.48 30.60
N GLY C 126 11.61 -37.17 29.66
CA GLY C 126 12.86 -37.90 29.53
C GLY C 126 12.75 -39.17 28.72
N ARG C 127 11.64 -39.36 28.00
CA ARG C 127 11.41 -40.60 27.23
C ARG C 127 12.17 -40.67 25.89
N TRP C 128 12.51 -39.52 25.32
CA TRP C 128 13.29 -39.49 24.07
C TRP C 128 14.68 -40.10 24.29
N VAL C 129 15.26 -39.80 25.46
CA VAL C 129 16.58 -40.30 25.84
C VAL C 129 16.55 -41.81 26.15
N ARG C 130 15.59 -42.23 26.98
CA ARG C 130 15.54 -43.61 27.49
C ARG C 130 14.90 -44.60 26.49
N GLU C 131 13.78 -44.21 25.87
CA GLU C 131 12.98 -45.09 25.00
C GLU C 131 13.04 -44.76 23.50
N GLY C 132 13.67 -43.66 23.10
CA GLY C 132 13.81 -43.31 21.70
C GLY C 132 12.63 -42.52 21.14
N ALA C 133 12.40 -42.65 19.83
CA ALA C 133 11.41 -41.83 19.12
C ALA C 133 9.98 -41.95 19.67
N PHE C 134 9.29 -40.81 19.76
CA PHE C 134 7.85 -40.78 20.00
C PHE C 134 7.16 -41.61 18.92
N PRO C 135 6.15 -42.41 19.29
CA PRO C 135 5.43 -43.18 18.27
C PRO C 135 4.86 -42.32 17.14
N LEU C 136 4.86 -42.88 15.93
CA LEU C 136 4.27 -42.19 14.78
C LEU C 136 2.77 -41.92 15.04
N SER C 137 2.29 -40.73 14.64
CA SER C 137 0.89 -40.41 14.80
C SER C 137 0.09 -41.21 13.78
N PRO C 138 -0.98 -41.92 14.22
CA PRO C 138 -1.80 -42.61 13.23
C PRO C 138 -2.46 -41.67 12.24
N LEU C 139 -2.74 -40.43 12.67
CA LEU C 139 -3.46 -39.48 11.82
C LEU C 139 -2.52 -38.41 11.25
N SER C 140 -3.04 -37.73 10.23
CA SER C 140 -2.37 -36.62 9.54
C SER C 140 -3.45 -35.72 8.94
N LEU C 141 -3.10 -34.47 8.67
CA LEU C 141 -3.93 -33.57 7.88
C LEU C 141 -3.92 -33.95 6.39
N ARG C 142 -2.86 -34.62 5.95
CA ARG C 142 -2.67 -34.92 4.53
C ARG C 142 -3.83 -35.79 4.02
N GLY C 143 -4.43 -35.36 2.91
CA GLY C 143 -5.52 -36.08 2.27
C GLY C 143 -6.89 -35.88 2.89
N ARG C 144 -7.01 -35.01 3.90
CA ARG C 144 -8.29 -34.85 4.62
C ARG C 144 -9.26 -33.96 3.87
N THR C 145 -10.53 -34.13 4.23
CA THR C 145 -11.63 -33.35 3.70
C THR C 145 -12.30 -32.71 4.90
N VAL C 146 -12.27 -31.37 4.95
CA VAL C 146 -12.73 -30.62 6.10
C VAL C 146 -14.12 -30.05 5.82
N GLY C 147 -15.04 -30.27 6.76
CA GLY C 147 -16.38 -29.69 6.72
C GLY C 147 -16.53 -28.66 7.84
N LEU C 148 -16.83 -27.42 7.48
CA LEU C 148 -17.07 -26.36 8.46
C LEU C 148 -18.56 -26.24 8.78
N PHE C 149 -18.91 -26.50 10.04
CA PHE C 149 -20.25 -26.24 10.57
C PHE C 149 -20.24 -24.78 11.04
N GLY C 150 -20.80 -23.90 10.21
CA GLY C 150 -20.67 -22.46 10.38
C GLY C 150 -19.60 -21.92 9.42
N LEU C 151 -19.91 -20.82 8.73
CA LEU C 151 -18.96 -20.20 7.80
C LEU C 151 -19.11 -18.69 7.82
N GLY C 152 -19.11 -18.12 9.02
CA GLY C 152 -19.26 -16.69 9.21
C GLY C 152 -17.92 -16.00 9.22
N ARG C 153 -17.78 -15.01 10.11
CA ARG C 153 -16.53 -14.26 10.24
C ARG C 153 -15.38 -15.23 10.51
N ILE C 154 -15.56 -16.07 11.53
CA ILE C 154 -14.47 -16.96 11.98
C ILE C 154 -14.37 -18.22 11.09
N GLY C 155 -15.49 -18.83 10.77
CA GLY C 155 -15.52 -20.00 9.87
C GLY C 155 -14.83 -19.76 8.54
N LEU C 156 -15.10 -18.60 7.93
CA LEU C 156 -14.44 -18.24 6.67
C LEU C 156 -12.91 -18.05 6.85
N ALA C 157 -12.51 -17.38 7.93
CA ALA C 157 -11.09 -17.19 8.26
C ALA C 157 -10.37 -18.52 8.44
N ILE C 158 -11.06 -19.49 9.05
CA ILE C 158 -10.55 -20.86 9.14
C ILE C 158 -10.41 -21.50 7.75
N ALA C 159 -11.46 -21.38 6.92
CA ALA C 159 -11.43 -21.90 5.54
C ALA C 159 -10.28 -21.30 4.72
N ARG C 160 -10.03 -19.99 4.86
CA ARG C 160 -8.90 -19.34 4.19
C ARG C 160 -7.55 -19.97 4.54
N ARG C 161 -7.35 -20.25 5.81
CA ARG C 161 -6.15 -20.96 6.27
C ARG C 161 -6.06 -22.33 5.65
N LEU C 162 -7.15 -23.10 5.78
CA LEU C 162 -7.20 -24.48 5.27
C LEU C 162 -6.92 -24.62 3.77
N GLU C 163 -7.32 -23.62 2.98
CA GLU C 163 -7.00 -23.57 1.56
C GLU C 163 -5.49 -23.69 1.29
N ALA C 164 -4.68 -23.09 2.15
CA ALA C 164 -3.22 -23.13 1.99
C ALA C 164 -2.57 -24.45 2.46
N PHE C 165 -3.34 -25.29 3.14
CA PHE C 165 -2.88 -26.61 3.58
C PHE C 165 -3.16 -27.73 2.58
N GLY C 166 -3.80 -27.40 1.45
CA GLY C 166 -4.05 -28.37 0.38
C GLY C 166 -5.07 -29.44 0.73
N VAL C 167 -6.11 -29.05 1.47
CA VAL C 167 -7.21 -29.97 1.81
C VAL C 167 -8.51 -29.51 1.15
N SER C 168 -9.41 -30.46 0.90
CA SER C 168 -10.74 -30.15 0.39
C SER C 168 -11.59 -29.54 1.50
N ILE C 169 -12.45 -28.58 1.12
CA ILE C 169 -13.23 -27.78 2.07
C ILE C 169 -14.70 -27.82 1.67
N ALA C 170 -15.56 -28.11 2.65
CA ALA C 170 -17.02 -28.02 2.49
C ALA C 170 -17.58 -27.28 3.69
N TYR C 171 -18.83 -26.87 3.61
CA TYR C 171 -19.47 -26.19 4.73
C TYR C 171 -20.98 -26.41 4.81
N HIS C 172 -21.49 -26.24 6.02
CA HIS C 172 -22.92 -26.28 6.28
C HIS C 172 -23.35 -25.05 7.08
N THR C 173 -24.26 -24.29 6.49
CA THR C 173 -24.95 -23.18 7.12
C THR C 173 -26.44 -23.30 6.74
N ARG C 174 -27.31 -22.52 7.39
CA ARG C 174 -28.75 -22.55 7.02
C ARG C 174 -28.98 -21.96 5.62
N THR C 175 -28.19 -20.94 5.28
CA THR C 175 -28.23 -20.28 3.97
C THR C 175 -26.83 -20.36 3.34
N PRO C 176 -26.72 -20.80 2.07
CA PRO C 176 -25.41 -20.81 1.41
C PRO C 176 -24.81 -19.40 1.21
N ARG C 177 -23.48 -19.32 1.19
CA ARG C 177 -22.76 -18.07 0.89
C ARG C 177 -22.27 -18.09 -0.56
N GLU C 178 -22.83 -17.19 -1.38
CA GLU C 178 -22.54 -17.14 -2.81
C GLU C 178 -21.20 -16.46 -3.09
N GLY C 179 -20.55 -16.89 -4.18
CA GLY C 179 -19.28 -16.32 -4.61
C GLY C 179 -18.04 -17.07 -4.14
N LEU C 180 -18.21 -17.95 -3.15
CA LEU C 180 -17.11 -18.75 -2.63
C LEU C 180 -17.11 -20.10 -3.31
N GLY C 181 -15.93 -20.65 -3.54
CA GLY C 181 -15.76 -21.92 -4.24
C GLY C 181 -15.84 -23.19 -3.37
N PHE C 182 -16.42 -23.09 -2.17
CA PHE C 182 -16.52 -24.25 -1.26
C PHE C 182 -17.85 -24.98 -1.47
N THR C 183 -17.83 -26.29 -1.29
CA THR C 183 -19.04 -27.12 -1.46
C THR C 183 -20.02 -26.88 -0.30
N TYR C 184 -21.22 -26.40 -0.62
CA TYR C 184 -22.26 -26.21 0.38
C TYR C 184 -22.99 -27.53 0.62
N HIS C 185 -23.31 -27.82 1.89
CA HIS C 185 -24.20 -28.92 2.25
C HIS C 185 -25.43 -28.39 2.98
N PRO C 186 -26.66 -28.69 2.48
CA PRO C 186 -27.87 -28.19 3.14
C PRO C 186 -28.20 -28.87 4.49
N THR C 187 -27.56 -30.01 4.80
CA THR C 187 -27.72 -30.66 6.09
C THR C 187 -26.36 -30.94 6.73
N LEU C 188 -26.32 -30.91 8.05
CA LEU C 188 -25.09 -31.19 8.80
C LEU C 188 -24.68 -32.65 8.65
N VAL C 189 -25.64 -33.56 8.83
CA VAL C 189 -25.39 -34.99 8.70
C VAL C 189 -24.89 -35.36 7.30
N GLY C 190 -25.43 -34.70 6.28
CA GLY C 190 -24.98 -34.88 4.89
C GLY C 190 -23.54 -34.46 4.71
N MET C 191 -23.16 -33.31 5.27
CA MET C 191 -21.77 -32.87 5.24
C MET C 191 -20.88 -33.88 5.96
N ALA C 192 -21.30 -34.28 7.15
CA ALA C 192 -20.56 -35.25 7.96
C ALA C 192 -20.29 -36.55 7.19
N GLU C 193 -21.29 -37.06 6.49
CA GLU C 193 -21.08 -38.21 5.59
C GLU C 193 -19.95 -37.98 4.58
N ALA C 194 -19.94 -36.79 3.98
CA ALA C 194 -19.00 -36.45 2.91
C ALA C 194 -17.57 -36.15 3.38
N VAL C 195 -17.40 -35.76 4.64
CA VAL C 195 -16.08 -35.34 5.15
C VAL C 195 -15.49 -36.31 6.19
N ASP C 196 -14.21 -36.12 6.52
CA ASP C 196 -13.59 -36.86 7.63
C ASP C 196 -13.11 -35.96 8.77
N THR C 197 -13.40 -34.66 8.68
CA THR C 197 -12.93 -33.67 9.64
C THR C 197 -14.00 -32.60 9.77
N LEU C 198 -14.57 -32.45 10.97
CA LEU C 198 -15.68 -31.53 11.22
C LEU C 198 -15.25 -30.45 12.21
N ILE C 199 -15.28 -29.20 11.77
CA ILE C 199 -14.90 -28.05 12.62
C ILE C 199 -16.18 -27.28 12.96
N VAL C 200 -16.45 -27.15 14.27
CA VAL C 200 -17.67 -26.48 14.75
C VAL C 200 -17.35 -25.03 15.12
N ILE C 201 -18.03 -24.11 14.43
CA ILE C 201 -17.81 -22.68 14.68
C ILE C 201 -19.14 -21.92 14.47
N VAL C 202 -20.19 -22.41 15.13
CA VAL C 202 -21.50 -21.76 15.12
C VAL C 202 -21.74 -21.13 16.49
N PRO C 203 -22.70 -20.17 16.59
CA PRO C 203 -23.07 -19.71 17.93
C PRO C 203 -23.83 -20.77 18.73
N GLY C 204 -23.85 -20.57 20.05
CA GLY C 204 -24.55 -21.46 20.96
C GLY C 204 -25.98 -21.02 21.16
N THR C 205 -26.84 -21.37 20.20
CA THR C 205 -28.27 -21.01 20.23
C THR C 205 -29.14 -22.26 20.39
N ALA C 206 -30.44 -22.05 20.53
CA ALA C 206 -31.41 -23.15 20.53
C ALA C 206 -31.31 -24.01 19.25
N SER C 207 -31.03 -23.37 18.11
CA SER C 207 -30.96 -24.06 16.82
C SER C 207 -29.74 -24.98 16.66
N THR C 208 -28.64 -24.69 17.36
CA THR C 208 -27.42 -25.52 17.28
C THR C 208 -27.25 -26.44 18.48
N LEU C 209 -28.19 -26.38 19.44
CA LEU C 209 -28.07 -27.15 20.69
C LEU C 209 -27.98 -28.65 20.41
N LYS C 210 -26.87 -29.26 20.79
CA LYS C 210 -26.59 -30.68 20.51
C LYS C 210 -26.79 -31.07 19.05
N ALA C 211 -26.49 -30.16 18.12
CA ALA C 211 -26.57 -30.46 16.70
C ALA C 211 -25.56 -31.57 16.33
N VAL C 212 -24.38 -31.54 16.94
CA VAL C 212 -23.38 -32.59 16.78
C VAL C 212 -23.73 -33.74 17.73
N ASN C 213 -24.53 -34.67 17.22
CA ASN C 213 -25.11 -35.77 18.01
C ASN C 213 -24.60 -37.14 17.53
N ALA C 214 -25.15 -38.22 18.10
CA ALA C 214 -24.75 -39.58 17.73
C ALA C 214 -24.78 -39.84 16.22
N ASP C 215 -25.83 -39.39 15.55
CA ASP C 215 -25.98 -39.59 14.11
C ASP C 215 -24.88 -38.87 13.30
N VAL C 216 -24.59 -37.62 13.67
CA VAL C 216 -23.58 -36.82 12.97
C VAL C 216 -22.18 -37.44 13.15
N LEU C 217 -21.89 -37.90 14.37
CA LEU C 217 -20.61 -38.55 14.67
C LEU C 217 -20.45 -39.89 13.96
N SER C 218 -21.53 -40.68 13.92
CA SER C 218 -21.54 -41.94 13.18
C SER C 218 -21.30 -41.71 11.68
N ALA C 219 -21.97 -40.71 11.12
CA ALA C 219 -21.78 -40.31 9.73
C ALA C 219 -20.35 -39.80 9.45
N LEU C 220 -19.77 -39.06 10.39
CA LEU C 220 -18.39 -38.56 10.25
C LEU C 220 -17.40 -39.72 10.01
N GLY C 221 -17.56 -40.81 10.78
CA GLY C 221 -16.94 -42.08 10.45
C GLY C 221 -15.64 -42.38 11.18
N PRO C 222 -15.07 -43.58 10.96
CA PRO C 222 -13.96 -44.09 11.76
C PRO C 222 -12.59 -43.42 11.55
N LYS C 223 -12.43 -42.60 10.51
CA LYS C 223 -11.27 -41.71 10.39
C LYS C 223 -11.62 -40.28 10.86
N GLY C 224 -12.80 -40.14 11.47
CA GLY C 224 -13.38 -38.85 11.78
C GLY C 224 -12.69 -38.10 12.90
N VAL C 225 -12.45 -36.81 12.69
CA VAL C 225 -11.93 -35.92 13.71
C VAL C 225 -12.89 -34.74 13.88
N LEU C 226 -13.30 -34.51 15.13
CA LEU C 226 -14.17 -33.38 15.50
C LEU C 226 -13.35 -32.29 16.21
N ILE C 227 -13.44 -31.05 15.71
CA ILE C 227 -12.82 -29.90 16.38
C ILE C 227 -13.96 -28.95 16.78
N ASN C 228 -14.03 -28.59 18.05
CA ASN C 228 -15.02 -27.60 18.52
C ASN C 228 -14.37 -26.36 19.10
N VAL C 229 -14.55 -25.24 18.40
CA VAL C 229 -14.11 -23.94 18.88
C VAL C 229 -15.26 -22.94 18.97
N GLY C 230 -16.50 -23.45 18.95
CA GLY C 230 -17.70 -22.58 18.96
C GLY C 230 -18.21 -22.45 20.37
N ARG C 231 -19.23 -23.26 20.68
CA ARG C 231 -19.75 -23.40 22.04
C ARG C 231 -19.93 -24.88 22.37
N GLY C 232 -19.68 -25.23 23.62
CA GLY C 232 -19.79 -26.62 24.07
C GLY C 232 -21.20 -27.19 24.00
N SER C 233 -22.20 -26.33 24.16
CA SER C 233 -23.62 -26.71 24.02
C SER C 233 -23.98 -27.33 22.66
N THR C 234 -23.24 -26.96 21.62
CA THR C 234 -23.48 -27.47 20.26
C THR C 234 -23.16 -28.96 20.11
N VAL C 235 -22.25 -29.48 20.93
CA VAL C 235 -21.88 -30.90 20.91
C VAL C 235 -22.63 -31.67 22.02
N ASP C 236 -23.17 -32.83 21.65
CA ASP C 236 -23.74 -33.77 22.62
C ASP C 236 -22.55 -34.46 23.29
N GLU C 237 -22.12 -33.89 24.42
CA GLU C 237 -20.86 -34.27 25.06
C GLU C 237 -20.87 -35.75 25.46
N ALA C 238 -21.99 -36.23 25.98
CA ALA C 238 -22.17 -37.64 26.31
C ALA C 238 -22.00 -38.55 25.08
N ALA C 239 -22.65 -38.19 23.98
CA ALA C 239 -22.54 -38.94 22.71
C ALA C 239 -21.12 -38.93 22.14
N LEU C 240 -20.40 -37.80 22.30
CA LEU C 240 -18.99 -37.73 21.89
C LEU C 240 -18.12 -38.72 22.68
N VAL C 241 -18.31 -38.78 24.00
CA VAL C 241 -17.57 -39.74 24.85
C VAL C 241 -17.81 -41.19 24.40
N THR C 242 -19.08 -41.54 24.15
CA THR C 242 -19.45 -42.87 23.64
C THR C 242 -18.80 -43.18 22.30
N ALA C 243 -18.89 -42.23 21.37
CA ALA C 243 -18.26 -42.36 20.05
C ALA C 243 -16.75 -42.58 20.14
N LEU C 244 -16.08 -41.84 21.03
CA LEU C 244 -14.63 -42.01 21.25
C LEU C 244 -14.32 -43.36 21.90
N GLN C 245 -15.10 -43.75 22.91
CA GLN C 245 -14.96 -45.06 23.55
C GLN C 245 -15.08 -46.22 22.57
N ASN C 246 -16.09 -46.16 21.70
CA ASN C 246 -16.38 -47.25 20.76
C ASN C 246 -15.50 -47.26 19.49
N GLY C 247 -14.74 -46.18 19.26
CA GLY C 247 -13.94 -46.04 18.03
C GLY C 247 -14.76 -45.62 16.82
N THR C 248 -15.98 -45.13 17.07
CA THR C 248 -16.87 -44.60 16.02
C THR C 248 -16.22 -43.44 15.27
N ILE C 249 -15.49 -42.59 16.00
CA ILE C 249 -14.60 -41.57 15.41
C ILE C 249 -13.15 -41.76 15.89
N ALA C 250 -12.21 -41.15 15.19
CA ALA C 250 -10.77 -41.35 15.39
C ALA C 250 -10.15 -40.40 16.42
N GLY C 251 -10.76 -39.23 16.61
CA GLY C 251 -10.17 -38.24 17.51
C GLY C 251 -10.98 -36.97 17.65
N ALA C 252 -10.58 -36.12 18.61
CA ALA C 252 -11.27 -34.86 18.84
C ALA C 252 -10.37 -33.82 19.51
N GLY C 253 -10.62 -32.55 19.17
CA GLY C 253 -9.95 -31.40 19.77
C GLY C 253 -11.01 -30.42 20.22
N LEU C 254 -11.04 -30.09 21.50
CA LEU C 254 -12.10 -29.26 22.07
C LEU C 254 -11.55 -28.06 22.85
N ASP C 255 -12.01 -26.86 22.50
CA ASP C 255 -11.70 -25.66 23.25
C ASP C 255 -12.86 -25.28 24.20
N VAL C 256 -14.02 -25.90 23.99
CA VAL C 256 -15.27 -25.51 24.69
C VAL C 256 -16.04 -26.76 25.12
N PHE C 257 -16.84 -26.62 26.19
CA PHE C 257 -17.49 -27.75 26.88
C PHE C 257 -18.87 -27.36 27.42
N GLU C 258 -19.69 -28.36 27.69
CA GLU C 258 -21.09 -28.16 28.16
C GLU C 258 -21.17 -27.41 29.47
N ASN C 259 -20.28 -27.71 30.42
CA ASN C 259 -20.32 -27.09 31.73
C ASN C 259 -18.95 -26.65 32.25
N GLU C 260 -18.40 -25.64 31.55
CA GLU C 260 -17.08 -25.13 31.86
C GLU C 260 -17.08 -24.53 33.26
N PRO C 261 -16.00 -24.68 34.05
CA PRO C 261 -14.72 -25.31 33.67
C PRO C 261 -14.64 -26.83 33.90
N ASN C 262 -15.77 -27.50 34.08
CA ASN C 262 -15.78 -28.93 34.33
C ASN C 262 -15.70 -29.71 33.03
N VAL C 263 -14.68 -30.57 32.93
CA VAL C 263 -14.52 -31.50 31.81
C VAL C 263 -14.68 -32.90 32.40
N PRO C 264 -15.56 -33.73 31.81
CA PRO C 264 -15.73 -35.07 32.39
C PRO C 264 -14.45 -35.89 32.35
N GLU C 265 -14.23 -36.67 33.40
CA GLU C 265 -13.05 -37.54 33.56
C GLU C 265 -12.81 -38.45 32.36
N ALA C 266 -13.90 -38.94 31.77
CA ALA C 266 -13.82 -39.82 30.59
C ALA C 266 -13.14 -39.13 29.40
N LEU C 267 -13.43 -37.86 29.17
CA LEU C 267 -12.76 -37.09 28.09
C LEU C 267 -11.27 -36.91 28.35
N LEU C 268 -10.89 -36.78 29.62
CA LEU C 268 -9.48 -36.66 30.01
C LEU C 268 -8.68 -37.94 29.79
N SER C 269 -9.35 -39.08 29.77
CA SER C 269 -8.70 -40.39 29.67
C SER C 269 -8.10 -40.73 28.29
N PHE C 270 -8.66 -40.17 27.23
CA PHE C 270 -8.34 -40.60 25.87
C PHE C 270 -6.96 -40.11 25.42
N PRO C 271 -6.15 -40.99 24.77
CA PRO C 271 -4.87 -40.56 24.17
C PRO C 271 -4.99 -39.84 22.82
N ASN C 272 -6.18 -39.88 22.21
CA ASN C 272 -6.44 -39.33 20.86
C ASN C 272 -7.27 -38.02 20.89
N VAL C 273 -7.19 -37.31 22.02
CA VAL C 273 -8.00 -36.11 22.26
C VAL C 273 -7.11 -34.97 22.77
N SER C 274 -7.32 -33.79 22.21
CA SER C 274 -6.70 -32.57 22.71
C SER C 274 -7.76 -31.66 23.37
N LEU C 275 -7.41 -31.12 24.52
CA LEU C 275 -8.32 -30.31 25.32
C LEU C 275 -7.68 -28.99 25.69
N LEU C 276 -8.41 -27.90 25.47
CA LEU C 276 -7.95 -26.56 25.84
C LEU C 276 -9.02 -25.85 26.67
N PRO C 277 -8.59 -25.03 27.65
CA PRO C 277 -9.53 -24.33 28.57
C PRO C 277 -10.09 -23.03 27.99
N HIS C 278 -10.82 -23.14 26.88
CA HIS C 278 -11.48 -22.03 26.22
C HIS C 278 -10.50 -20.88 25.94
N VAL C 279 -9.45 -21.18 25.18
CA VAL C 279 -8.37 -20.21 24.92
C VAL C 279 -8.35 -19.60 23.52
N ALA C 280 -9.36 -19.84 22.68
CA ALA C 280 -9.24 -19.46 21.28
C ALA C 280 -8.90 -17.99 21.00
N SER C 281 -9.37 -17.07 21.84
CA SER C 281 -9.02 -15.63 21.71
C SER C 281 -8.03 -15.13 22.78
N ALA C 282 -7.49 -16.03 23.60
CA ALA C 282 -6.85 -15.67 24.85
C ALA C 282 -5.35 -15.29 24.76
N SER C 283 -5.04 -14.36 23.85
CA SER C 283 -3.74 -13.67 23.83
C SER C 283 -3.92 -12.28 24.46
N VAL C 284 -2.82 -11.72 24.96
CA VAL C 284 -2.82 -10.36 25.49
C VAL C 284 -3.31 -9.35 24.46
N VAL C 285 -2.71 -9.34 23.26
CA VAL C 285 -3.10 -8.36 22.22
C VAL C 285 -4.59 -8.47 21.84
N THR C 286 -5.11 -9.69 21.69
CA THR C 286 -6.51 -9.87 21.26
C THR C 286 -7.51 -9.56 22.38
N ARG C 287 -7.21 -9.98 23.61
CA ARG C 287 -8.06 -9.63 24.74
C ARG C 287 -8.04 -8.13 25.03
N ASN C 288 -6.90 -7.48 24.81
CA ASN C 288 -6.82 -6.02 24.89
C ASN C 288 -7.74 -5.35 23.86
N ALA C 289 -7.76 -5.86 22.64
CA ALA C 289 -8.67 -5.36 21.59
C ALA C 289 -10.14 -5.59 21.91
N MET C 290 -10.45 -6.76 22.46
CA MET C 290 -11.81 -7.05 22.93
C MET C 290 -12.24 -6.10 24.06
N SER C 291 -11.35 -5.89 25.03
CA SER C 291 -11.60 -4.94 26.12
C SER C 291 -11.86 -3.53 25.60
N ASP C 292 -11.05 -3.10 24.63
CA ASP C 292 -11.21 -1.78 24.02
C ASP C 292 -12.57 -1.63 23.34
N LEU C 293 -13.00 -2.66 22.63
CA LEU C 293 -14.28 -2.63 21.92
C LEU C 293 -15.49 -2.62 22.89
N VAL C 294 -15.42 -3.35 24.00
CA VAL C 294 -16.44 -3.27 25.07
C VAL C 294 -16.58 -1.82 25.56
N VAL C 295 -15.45 -1.21 25.94
CA VAL C 295 -15.47 0.16 26.47
C VAL C 295 -15.88 1.18 25.39
N ASP C 296 -15.35 1.03 24.16
CA ASP C 296 -15.67 1.95 23.08
C ASP C 296 -17.15 1.87 22.66
N ASN C 297 -17.76 0.69 22.76
CA ASN C 297 -19.22 0.54 22.59
C ASN C 297 -20.02 1.37 23.61
N LEU C 298 -19.66 1.25 24.88
CA LEU C 298 -20.28 2.05 25.95
C LEU C 298 -20.08 3.56 25.76
N LYS C 299 -18.86 3.97 25.44
CA LYS C 299 -18.55 5.38 25.18
C LYS C 299 -19.33 5.93 23.99
N ALA C 300 -19.38 5.16 22.91
CA ALA C 300 -20.16 5.57 21.73
C ALA C 300 -21.65 5.72 22.06
N TRP C 301 -22.21 4.74 22.77
CA TRP C 301 -23.63 4.77 23.17
C TRP C 301 -23.98 6.00 23.99
N PHE C 302 -23.21 6.26 25.05
CA PHE C 302 -23.54 7.36 25.93
C PHE C 302 -23.20 8.73 25.31
N SER C 303 -22.21 8.79 24.41
CA SER C 303 -21.81 10.09 23.82
C SER C 303 -22.56 10.46 22.51
N THR C 304 -22.85 9.47 21.67
CA THR C 304 -23.51 9.70 20.37
C THR C 304 -24.91 9.07 20.25
N GLY C 305 -25.25 8.12 21.13
CA GLY C 305 -26.50 7.36 21.02
C GLY C 305 -26.51 6.19 20.04
N GLU C 306 -25.35 5.90 19.45
CA GLU C 306 -25.20 4.80 18.52
C GLU C 306 -24.03 3.94 18.98
N ALA C 307 -24.31 2.66 19.26
CA ALA C 307 -23.28 1.69 19.58
C ALA C 307 -22.41 1.39 18.35
N LEU C 308 -21.22 0.84 18.59
CA LEU C 308 -20.31 0.45 17.48
C LEU C 308 -20.72 -0.91 16.89
N THR C 309 -20.97 -1.89 17.75
CA THR C 309 -21.28 -3.27 17.34
C THR C 309 -22.49 -3.84 18.12
N PRO C 310 -23.68 -3.22 17.95
CA PRO C 310 -24.88 -3.83 18.52
C PRO C 310 -25.14 -5.19 17.84
N VAL C 311 -25.76 -6.10 18.58
CA VAL C 311 -26.11 -7.40 18.03
C VAL C 311 -27.36 -7.27 17.14
N ALA C 312 -27.54 -8.22 16.24
CA ALA C 312 -28.65 -8.19 15.27
C ALA C 312 -30.02 -8.04 15.94
N GLU C 313 -30.20 -8.66 17.10
CA GLU C 313 -31.47 -8.62 17.82
C GLU C 313 -31.83 -7.25 18.42
N THR C 314 -30.87 -6.34 18.53
CA THR C 314 -31.09 -5.04 19.16
C THR C 314 -30.49 -3.88 18.34
N PRO C 315 -31.10 -3.57 17.18
CA PRO C 315 -30.60 -2.47 16.36
C PRO C 315 -31.17 -1.16 16.88
N PHE C 316 -30.79 -0.81 18.12
CA PHE C 316 -31.41 0.29 18.84
C PHE C 316 -30.53 1.54 18.81
N ARG C 317 -31.17 2.69 18.99
CA ARG C 317 -30.49 3.96 19.21
C ARG C 317 -30.95 4.52 20.54
N ARG C 318 -30.08 5.28 21.20
CA ARG C 318 -30.36 5.75 22.57
C ARG C 318 -31.43 6.82 22.59
N ARG C 319 -32.40 6.64 23.49
CA ARG C 319 -33.33 7.72 23.87
C ARG C 319 -33.00 8.05 25.33
N ALA C 320 -32.51 9.25 25.55
CA ALA C 320 -32.18 9.66 26.94
C ALA C 320 -33.49 10.03 27.68
N ILE C 321 -33.69 9.46 28.88
CA ILE C 321 -34.87 9.70 29.76
C ILE C 321 -35.56 8.37 30.11
N ARG D 4 20.39 -61.27 -6.98
CA ARG D 4 19.75 -60.37 -5.97
C ARG D 4 20.82 -59.59 -5.19
N PRO D 5 20.90 -58.25 -5.41
CA PRO D 5 21.89 -57.47 -4.65
C PRO D 5 21.63 -57.52 -3.16
N ARG D 6 22.69 -57.41 -2.37
CA ARG D 6 22.58 -57.44 -0.91
C ARG D 6 22.60 -56.01 -0.36
N ILE D 7 21.58 -55.69 0.43
CA ILE D 7 21.40 -54.35 1.04
C ILE D 7 21.60 -54.43 2.54
N LEU D 8 22.54 -53.63 3.05
CA LEU D 8 22.73 -53.50 4.50
C LEU D 8 21.78 -52.45 5.08
N VAL D 9 21.14 -52.79 6.19
CA VAL D 9 20.39 -51.83 6.98
C VAL D 9 20.99 -51.80 8.38
N PRO D 10 21.70 -50.70 8.74
CA PRO D 10 22.23 -50.59 10.08
C PRO D 10 21.25 -49.89 11.03
N GLY D 11 20.99 -50.50 12.18
CA GLY D 11 20.18 -49.86 13.22
C GLY D 11 18.70 -49.83 12.85
N LYS D 12 17.97 -48.91 13.46
CA LYS D 12 16.52 -48.84 13.30
C LYS D 12 16.15 -48.20 11.97
N ILE D 13 15.12 -48.76 11.34
CA ILE D 13 14.51 -48.16 10.18
C ILE D 13 13.03 -48.54 10.19
N ASN D 14 12.22 -47.76 9.50
CA ASN D 14 10.80 -48.06 9.36
C ASN D 14 10.62 -49.48 8.76
N PRO D 15 9.79 -50.34 9.40
CA PRO D 15 9.54 -51.73 8.93
C PRO D 15 9.06 -51.86 7.49
N ARG D 16 8.37 -50.83 6.99
CA ARG D 16 7.99 -50.75 5.59
C ARG D 16 9.18 -50.85 4.62
N VAL D 17 10.31 -50.26 4.98
CA VAL D 17 11.55 -50.48 4.21
C VAL D 17 11.88 -51.97 4.19
N LEU D 18 11.95 -52.56 5.37
CA LEU D 18 12.32 -53.97 5.52
C LEU D 18 11.36 -54.89 4.78
N GLU D 19 10.08 -54.57 4.84
CA GLU D 19 9.04 -55.33 4.16
C GLU D 19 9.17 -55.36 2.65
N ARG D 20 9.60 -54.24 2.07
CA ARG D 20 9.65 -54.08 0.63
C ARG D 20 10.96 -54.46 -0.04
N LEU D 21 12.07 -54.43 0.70
CA LEU D 21 13.38 -54.84 0.16
C LEU D 21 13.41 -56.23 -0.51
N PRO D 22 12.68 -57.25 0.06
CA PRO D 22 12.57 -58.55 -0.60
C PRO D 22 11.95 -58.59 -2.00
N GLU D 23 11.31 -57.52 -2.45
CA GLU D 23 10.87 -57.41 -3.85
C GLU D 23 12.01 -57.62 -4.87
N MET D 24 13.23 -57.21 -4.51
CA MET D 24 14.39 -57.35 -5.37
C MET D 24 15.71 -57.76 -4.67
N PHE D 25 15.79 -57.67 -3.34
CA PHE D 25 17.07 -57.69 -2.63
C PHE D 25 17.13 -58.72 -1.49
N GLU D 26 18.37 -59.06 -1.13
CA GLU D 26 18.66 -59.74 0.12
C GLU D 26 19.01 -58.65 1.15
N THR D 27 18.45 -58.76 2.35
CA THR D 27 18.69 -57.78 3.40
C THR D 27 19.69 -58.29 4.42
N VAL D 28 20.63 -57.44 4.80
CA VAL D 28 21.61 -57.73 5.85
C VAL D 28 21.42 -56.70 6.95
N ARG D 29 21.09 -57.16 8.16
CA ARG D 29 20.88 -56.24 9.28
C ARG D 29 22.04 -56.29 10.28
N ILE D 30 22.41 -55.10 10.79
CA ILE D 30 23.28 -54.99 11.95
C ILE D 30 22.58 -54.06 12.94
N GLU D 31 22.75 -54.31 14.23
CA GLU D 31 21.97 -53.62 15.28
C GLU D 31 22.32 -52.15 15.49
N ARG D 32 23.54 -51.76 15.13
CA ARG D 32 24.01 -50.38 15.26
C ARG D 32 24.80 -50.04 14.00
N ALA D 33 24.89 -48.74 13.70
CA ALA D 33 25.70 -48.27 12.57
C ALA D 33 27.16 -48.22 13.01
N ASP D 34 27.78 -49.40 13.04
CA ASP D 34 29.12 -49.59 13.60
C ASP D 34 29.89 -50.59 12.76
N ALA D 35 31.06 -50.17 12.26
CA ALA D 35 31.94 -51.00 11.42
C ALA D 35 32.42 -52.27 12.13
N ALA D 36 32.58 -52.21 13.45
CA ALA D 36 32.97 -53.37 14.25
C ALA D 36 31.97 -54.55 14.17
N LEU D 37 30.72 -54.27 13.81
CA LEU D 37 29.71 -55.33 13.62
C LEU D 37 29.72 -55.99 12.24
N VAL D 38 30.54 -55.48 11.31
CA VAL D 38 30.60 -56.02 9.96
C VAL D 38 31.43 -57.31 9.98
N THR D 39 30.87 -58.38 9.42
CA THR D 39 31.55 -59.67 9.36
C THR D 39 32.11 -59.89 7.98
N ALA D 40 32.97 -60.89 7.85
CA ALA D 40 33.58 -61.25 6.57
C ALA D 40 32.54 -61.60 5.49
N ASP D 41 31.48 -62.29 5.88
CA ASP D 41 30.33 -62.67 5.00
C ASP D 41 29.53 -61.46 4.40
N MET D 42 29.66 -60.30 5.01
CA MET D 42 28.98 -59.07 4.54
C MET D 42 29.76 -58.25 3.49
N ARG D 43 30.98 -58.69 3.13
CA ARG D 43 31.83 -57.92 2.20
C ARG D 43 31.31 -57.79 0.74
N ASP D 44 30.28 -58.55 0.37
CA ASP D 44 29.64 -58.43 -0.94
C ASP D 44 28.44 -57.46 -1.01
N VAL D 45 28.15 -56.74 0.09
CA VAL D 45 27.04 -55.77 0.11
C VAL D 45 27.17 -54.72 -0.99
N SER D 46 26.08 -54.52 -1.73
CA SER D 46 26.01 -53.57 -2.87
C SER D 46 25.35 -52.23 -2.53
N GLY D 47 24.48 -52.22 -1.53
CA GLY D 47 23.73 -51.02 -1.17
C GLY D 47 23.49 -50.91 0.32
N ILE D 48 23.23 -49.69 0.75
CA ILE D 48 22.88 -49.38 2.14
C ILE D 48 21.57 -48.58 2.13
N ALA D 49 20.66 -48.95 3.03
CA ALA D 49 19.51 -48.11 3.38
C ALA D 49 19.66 -47.71 4.84
N VAL D 50 19.60 -46.41 5.12
CA VAL D 50 19.94 -45.88 6.45
C VAL D 50 19.08 -44.67 6.85
N SER D 51 18.69 -44.65 8.13
CA SER D 51 18.13 -43.45 8.77
C SER D 51 19.14 -42.91 9.78
N GLY D 52 19.54 -41.66 9.62
CA GLY D 52 20.46 -41.00 10.54
C GLY D 52 21.91 -41.08 10.11
N LYS D 53 22.80 -41.44 11.03
CA LYS D 53 24.24 -41.37 10.80
C LYS D 53 24.78 -42.61 10.07
N LEU D 54 25.64 -42.37 9.09
CA LEU D 54 26.39 -43.44 8.45
C LEU D 54 27.87 -43.13 8.61
N PRO D 55 28.49 -43.69 9.67
CA PRO D 55 29.92 -43.42 9.88
C PRO D 55 30.77 -43.86 8.68
N VAL D 56 31.78 -43.08 8.35
CA VAL D 56 32.69 -43.35 7.22
C VAL D 56 33.37 -44.74 7.30
N PRO D 57 33.83 -45.16 8.50
CA PRO D 57 34.41 -46.52 8.58
C PRO D 57 33.39 -47.63 8.25
N LEU D 58 32.10 -47.41 8.54
CA LEU D 58 31.08 -48.39 8.14
C LEU D 58 30.87 -48.37 6.63
N MET D 59 30.69 -47.18 6.07
CA MET D 59 30.56 -47.03 4.61
C MET D 59 31.75 -47.63 3.87
N ASP D 60 32.95 -47.39 4.39
CA ASP D 60 34.19 -47.87 3.77
C ASP D 60 34.55 -49.33 4.07
N ALA D 61 33.73 -50.02 4.87
CA ALA D 61 33.87 -51.47 5.07
C ALA D 61 33.37 -52.30 3.88
N PHE D 62 32.77 -51.65 2.86
CA PHE D 62 32.14 -52.34 1.74
C PHE D 62 32.76 -51.96 0.37
N PRO D 63 33.73 -52.76 -0.13
CA PRO D 63 34.39 -52.47 -1.41
C PRO D 63 33.46 -52.43 -2.63
N SER D 64 32.36 -53.18 -2.58
CA SER D 64 31.38 -53.22 -3.69
C SER D 64 30.17 -52.28 -3.54
N LEU D 65 30.23 -51.37 -2.56
CA LEU D 65 29.11 -50.44 -2.31
C LEU D 65 28.87 -49.53 -3.50
N GLU D 66 27.61 -49.46 -3.95
CA GLU D 66 27.19 -48.65 -5.09
C GLU D 66 26.32 -47.46 -4.74
N ILE D 67 25.51 -47.61 -3.70
CA ILE D 67 24.43 -46.70 -3.44
C ILE D 67 24.15 -46.65 -1.92
N VAL D 68 23.99 -45.42 -1.40
CA VAL D 68 23.41 -45.20 -0.08
C VAL D 68 22.04 -44.53 -0.24
N ALA D 69 20.97 -45.26 0.12
CA ALA D 69 19.62 -44.68 0.09
C ALA D 69 19.27 -44.16 1.48
N ASN D 70 19.33 -42.84 1.63
CA ASN D 70 19.06 -42.11 2.87
C ASN D 70 17.56 -41.93 3.10
N PHE D 71 17.12 -42.30 4.31
CA PHE D 71 15.73 -42.13 4.74
C PHE D 71 15.62 -40.73 5.33
N GLY D 72 14.96 -39.84 4.62
CA GLY D 72 14.90 -38.40 4.96
C GLY D 72 15.36 -37.54 3.80
N VAL D 73 14.83 -36.32 3.75
CA VAL D 73 15.29 -35.34 2.75
C VAL D 73 16.64 -34.77 3.14
N GLY D 74 16.86 -34.53 4.44
CA GLY D 74 18.19 -34.23 4.99
C GLY D 74 19.09 -35.47 4.97
N TYR D 75 20.34 -35.30 4.56
CA TYR D 75 21.30 -36.42 4.43
C TYR D 75 22.68 -36.07 4.99
N ASP D 76 22.69 -35.15 5.95
CA ASP D 76 23.93 -34.70 6.58
C ASP D 76 24.62 -35.77 7.42
N GLY D 77 23.90 -36.84 7.75
CA GLY D 77 24.48 -38.00 8.42
C GLY D 77 25.32 -38.90 7.51
N VAL D 78 25.23 -38.69 6.19
CA VAL D 78 26.06 -39.37 5.21
C VAL D 78 27.20 -38.43 4.81
N ASP D 79 28.42 -38.94 4.76
CA ASP D 79 29.56 -38.16 4.27
C ASP D 79 29.54 -38.19 2.75
N VAL D 80 28.78 -37.25 2.18
CA VAL D 80 28.55 -37.18 0.74
C VAL D 80 29.83 -36.88 -0.08
N SER D 81 30.76 -36.12 0.51
CA SER D 81 32.07 -35.85 -0.12
C SER D 81 32.84 -37.13 -0.35
N ARG D 82 32.88 -37.96 0.69
CA ARG D 82 33.56 -39.25 0.64
C ARG D 82 32.83 -40.21 -0.28
N ALA D 83 31.50 -40.19 -0.23
CA ALA D 83 30.69 -41.01 -1.14
C ALA D 83 30.99 -40.65 -2.61
N ALA D 84 30.95 -39.36 -2.93
CA ALA D 84 31.23 -38.87 -4.29
C ALA D 84 32.64 -39.28 -4.75
N ALA D 85 33.62 -39.16 -3.85
CA ALA D 85 35.01 -39.57 -4.13
C ALA D 85 35.17 -41.05 -4.46
N ARG D 86 34.28 -41.89 -3.93
CA ARG D 86 34.23 -43.32 -4.23
C ARG D 86 33.27 -43.68 -5.38
N GLY D 87 32.63 -42.68 -5.99
CA GLY D 87 31.64 -42.91 -7.04
C GLY D 87 30.35 -43.58 -6.56
N ILE D 88 30.03 -43.42 -5.29
CA ILE D 88 28.84 -43.99 -4.65
C ILE D 88 27.72 -42.95 -4.74
N VAL D 89 26.62 -43.34 -5.36
CA VAL D 89 25.45 -42.49 -5.46
C VAL D 89 24.74 -42.42 -4.10
N VAL D 90 24.29 -41.24 -3.72
CA VAL D 90 23.50 -41.05 -2.49
C VAL D 90 22.13 -40.55 -2.92
N THR D 91 21.08 -41.15 -2.36
CA THR D 91 19.70 -40.72 -2.64
C THR D 91 19.05 -40.27 -1.33
N ASN D 92 18.08 -39.39 -1.44
CA ASN D 92 17.32 -38.89 -0.29
C ASN D 92 15.82 -39.03 -0.55
N THR D 93 14.99 -38.47 0.32
CA THR D 93 13.54 -38.57 0.17
C THR D 93 12.86 -37.20 0.18
N PRO D 94 13.06 -36.41 -0.89
CA PRO D 94 12.39 -35.13 -1.01
C PRO D 94 10.92 -35.30 -1.41
N ASP D 95 10.17 -34.21 -1.27
CA ASP D 95 8.82 -34.03 -1.85
C ASP D 95 7.69 -34.77 -1.14
N VAL D 96 7.87 -36.06 -0.89
CA VAL D 96 6.87 -36.89 -0.22
C VAL D 96 6.59 -36.54 1.25
N LEU D 97 7.45 -35.70 1.84
CA LEU D 97 7.26 -35.20 3.22
C LEU D 97 7.10 -33.67 3.32
N THR D 98 7.04 -32.97 2.19
CA THR D 98 7.08 -31.49 2.20
C THR D 98 5.92 -30.88 2.94
N GLU D 99 4.71 -31.30 2.58
CA GLU D 99 3.48 -30.78 3.16
C GLU D 99 3.32 -31.14 4.63
N GLU D 100 3.65 -32.40 4.99
CA GLU D 100 3.70 -32.86 6.38
C GLU D 100 4.60 -32.01 7.28
N VAL D 101 5.83 -31.79 6.83
CA VAL D 101 6.82 -30.99 7.58
C VAL D 101 6.35 -29.53 7.72
N ALA D 102 5.79 -28.98 6.64
CA ALA D 102 5.23 -27.63 6.67
C ALA D 102 4.08 -27.52 7.68
N ASP D 103 3.24 -28.56 7.74
CA ASP D 103 2.16 -28.63 8.75
C ASP D 103 2.73 -28.59 10.18
N THR D 104 3.73 -29.41 10.47
CA THR D 104 4.38 -29.39 11.79
C THR D 104 5.00 -28.04 12.13
N ALA D 105 5.65 -27.41 11.14
CA ALA D 105 6.21 -26.07 11.34
C ALA D 105 5.16 -25.04 11.81
N ILE D 106 4.00 -25.02 11.16
CA ILE D 106 2.92 -24.11 11.58
C ILE D 106 2.41 -24.50 12.99
N GLY D 107 2.19 -25.79 13.22
CA GLY D 107 1.75 -26.27 14.55
C GLY D 107 2.69 -25.82 15.68
N LEU D 108 3.99 -26.00 15.46
CA LEU D 108 5.03 -25.60 16.41
C LEU D 108 5.07 -24.09 16.61
N LEU D 109 4.91 -23.34 15.51
CA LEU D 109 4.82 -21.88 15.59
C LEU D 109 3.65 -21.43 16.46
N LEU D 110 2.47 -21.99 16.21
CA LEU D 110 1.26 -21.65 16.99
C LEU D 110 1.34 -22.08 18.46
N ASN D 111 1.89 -23.27 18.70
CA ASN D 111 2.14 -23.75 20.05
C ASN D 111 3.12 -22.85 20.82
N THR D 112 4.16 -22.39 20.14
CA THR D 112 5.16 -21.47 20.74
C THR D 112 4.53 -20.12 21.11
N LEU D 113 3.76 -19.56 20.18
CA LEU D 113 3.21 -18.21 20.38
C LEU D 113 2.03 -18.20 21.38
N ARG D 114 1.16 -19.20 21.29
CA ARG D 114 -0.09 -19.20 22.05
C ARG D 114 -0.07 -20.15 23.25
N LEU D 115 1.04 -20.89 23.42
CA LEU D 115 1.26 -21.73 24.60
C LEU D 115 0.22 -22.82 24.74
N LEU D 116 -0.26 -23.35 23.62
CA LEU D 116 -1.36 -24.33 23.65
C LEU D 116 -1.04 -25.61 24.41
N PRO D 117 0.18 -26.18 24.26
CA PRO D 117 0.52 -27.34 25.11
C PRO D 117 0.45 -27.07 26.63
N GLN D 118 0.97 -25.91 27.03
CA GLN D 118 0.92 -25.49 28.41
C GLN D 118 -0.53 -25.27 28.87
N ALA D 119 -1.36 -24.66 27.99
CA ALA D 119 -2.79 -24.48 28.31
C ALA D 119 -3.50 -25.82 28.53
N GLU D 120 -3.18 -26.79 27.67
CA GLU D 120 -3.70 -28.15 27.84
C GLU D 120 -3.26 -28.79 29.17
N GLN D 121 -1.98 -28.63 29.53
CA GLN D 121 -1.48 -29.11 30.82
C GLN D 121 -2.21 -28.47 32.01
N TRP D 122 -2.44 -27.16 31.93
CA TRP D 122 -3.21 -26.43 32.95
C TRP D 122 -4.57 -27.09 33.20
N LEU D 123 -5.27 -27.40 32.11
CA LEU D 123 -6.57 -28.07 32.18
C LEU D 123 -6.46 -29.47 32.73
N ARG D 124 -5.56 -30.27 32.15
CA ARG D 124 -5.41 -31.68 32.55
C ARG D 124 -4.95 -31.86 34.01
N GLN D 125 -4.20 -30.89 34.54
CA GLN D 125 -3.77 -30.95 35.94
C GLN D 125 -4.82 -30.44 36.94
N GLY D 126 -6.01 -30.07 36.46
CA GLY D 126 -7.08 -29.60 37.33
C GLY D 126 -7.02 -28.12 37.72
N ARG D 127 -6.19 -27.33 37.04
CA ARG D 127 -5.98 -25.91 37.42
C ARG D 127 -7.11 -24.97 36.95
N TRP D 128 -7.82 -25.36 35.91
CA TRP D 128 -8.95 -24.57 35.40
C TRP D 128 -10.05 -24.47 36.45
N VAL D 129 -10.24 -25.57 37.17
CA VAL D 129 -11.24 -25.65 38.21
C VAL D 129 -10.82 -24.83 39.45
N ARG D 130 -9.60 -25.03 39.95
CA ARG D 130 -9.17 -24.39 41.24
C ARG D 130 -8.70 -22.96 41.06
N GLU D 131 -7.90 -22.71 40.03
CA GLU D 131 -7.24 -21.41 39.83
C GLU D 131 -7.82 -20.55 38.71
N GLY D 132 -8.77 -21.09 37.96
CA GLY D 132 -9.44 -20.32 36.91
C GLY D 132 -8.66 -20.32 35.60
N ALA D 133 -8.89 -19.27 34.82
CA ALA D 133 -8.38 -19.21 33.44
C ALA D 133 -6.85 -19.38 33.35
N PHE D 134 -6.42 -20.13 32.36
CA PHE D 134 -5.00 -20.15 31.95
C PHE D 134 -4.57 -18.72 31.64
N PRO D 135 -3.36 -18.31 32.08
CA PRO D 135 -2.90 -16.95 31.79
C PRO D 135 -2.95 -16.60 30.30
N LEU D 136 -3.25 -15.34 30.01
CA LEU D 136 -3.25 -14.88 28.62
C LEU D 136 -1.83 -15.03 28.04
N SER D 137 -1.73 -15.48 26.81
CA SER D 137 -0.40 -15.65 26.19
C SER D 137 0.14 -14.26 25.88
N PRO D 138 1.39 -13.95 26.33
CA PRO D 138 1.92 -12.64 25.98
C PRO D 138 2.09 -12.43 24.48
N LEU D 139 2.26 -13.52 23.72
CA LEU D 139 2.49 -13.43 22.30
C LEU D 139 1.26 -13.88 21.48
N SER D 140 1.34 -13.54 20.20
CA SER D 140 0.33 -13.88 19.20
C SER D 140 1.00 -13.89 17.84
N LEU D 141 0.39 -14.60 16.88
CA LEU D 141 0.77 -14.48 15.46
C LEU D 141 0.34 -13.15 14.85
N ARG D 142 -0.70 -12.54 15.40
CA ARG D 142 -1.30 -11.34 14.81
C ARG D 142 -0.28 -10.21 14.75
N GLY D 143 -0.13 -9.63 13.56
CA GLY D 143 0.78 -8.50 13.34
C GLY D 143 2.25 -8.87 13.16
N ARG D 144 2.57 -10.16 13.08
CA ARG D 144 3.97 -10.59 12.99
C ARG D 144 4.51 -10.51 11.58
N THR D 145 5.83 -10.48 11.50
CA THR D 145 6.57 -10.45 10.26
C THR D 145 7.51 -11.66 10.31
N VAL D 146 7.33 -12.58 9.38
CA VAL D 146 8.03 -13.86 9.40
C VAL D 146 9.16 -13.83 8.36
N GLY D 147 10.35 -14.22 8.80
CA GLY D 147 11.51 -14.41 7.93
C GLY D 147 11.86 -15.88 7.84
N LEU D 148 11.83 -16.43 6.63
CA LEU D 148 12.24 -17.81 6.38
C LEU D 148 13.72 -17.89 6.01
N PHE D 149 14.49 -18.56 6.86
CA PHE D 149 15.89 -18.93 6.56
C PHE D 149 15.83 -20.25 5.81
N GLY D 150 15.98 -20.16 4.49
CA GLY D 150 15.69 -21.28 3.58
C GLY D 150 14.31 -21.11 2.95
N LEU D 151 14.22 -21.31 1.64
CA LEU D 151 12.94 -21.20 0.92
C LEU D 151 12.87 -22.21 -0.22
N GLY D 152 13.18 -23.46 0.13
CA GLY D 152 13.19 -24.52 -0.86
C GLY D 152 11.84 -25.19 -0.93
N ARG D 153 11.87 -26.53 -1.04
CA ARG D 153 10.64 -27.30 -1.08
C ARG D 153 9.80 -27.04 0.16
N ILE D 154 10.40 -27.19 1.34
CA ILE D 154 9.65 -27.06 2.59
C ILE D 154 9.44 -25.59 2.97
N GLY D 155 10.47 -24.76 2.84
CA GLY D 155 10.36 -23.33 3.14
C GLY D 155 9.26 -22.63 2.38
N LEU D 156 9.15 -22.91 1.08
CA LEU D 156 8.06 -22.38 0.26
C LEU D 156 6.68 -22.87 0.73
N ALA D 157 6.57 -24.16 1.05
CA ALA D 157 5.31 -24.74 1.56
C ALA D 157 4.88 -24.08 2.86
N ILE D 158 5.86 -23.75 3.71
CA ILE D 158 5.60 -22.97 4.92
C ILE D 158 5.12 -21.56 4.59
N ALA D 159 5.80 -20.89 3.67
CA ALA D 159 5.38 -19.56 3.19
C ALA D 159 3.96 -19.55 2.65
N ARG D 160 3.59 -20.58 1.86
CA ARG D 160 2.23 -20.69 1.31
C ARG D 160 1.16 -20.72 2.41
N ARG D 161 1.43 -21.49 3.46
CA ARG D 161 0.55 -21.51 4.63
C ARG D 161 0.47 -20.15 5.29
N LEU D 162 1.63 -19.57 5.58
CA LEU D 162 1.70 -18.24 6.23
C LEU D 162 0.98 -17.10 5.51
N GLU D 163 0.95 -17.15 4.17
CA GLU D 163 0.17 -16.21 3.37
C GLU D 163 -1.29 -16.17 3.76
N ALA D 164 -1.87 -17.32 4.11
CA ALA D 164 -3.28 -17.38 4.52
C ALA D 164 -3.55 -16.94 5.96
N PHE D 165 -2.49 -16.75 6.75
CA PHE D 165 -2.57 -16.25 8.13
C PHE D 165 -2.45 -14.71 8.24
N GLY D 166 -2.27 -14.03 7.11
CA GLY D 166 -2.28 -12.58 7.09
C GLY D 166 -1.07 -11.94 7.75
N VAL D 167 0.08 -12.57 7.59
CA VAL D 167 1.36 -12.04 8.10
C VAL D 167 2.31 -11.70 6.93
N SER D 168 3.19 -10.73 7.18
CA SER D 168 4.21 -10.37 6.21
C SER D 168 5.28 -11.46 6.17
N ILE D 169 5.82 -11.71 4.98
CA ILE D 169 6.76 -12.80 4.72
C ILE D 169 8.01 -12.27 4.03
N ALA D 170 9.18 -12.65 4.57
CA ALA D 170 10.48 -12.38 3.94
C ALA D 170 11.30 -13.67 3.94
N TYR D 171 12.41 -13.69 3.20
CA TYR D 171 13.26 -14.86 3.18
C TYR D 171 14.72 -14.55 2.91
N HIS D 172 15.58 -15.46 3.38
CA HIS D 172 17.00 -15.40 3.10
C HIS D 172 17.47 -16.75 2.58
N THR D 173 18.02 -16.71 1.36
CA THR D 173 18.72 -17.81 0.73
C THR D 173 20.00 -17.23 0.09
N ARG D 174 20.93 -18.09 -0.34
CA ARG D 174 22.16 -17.59 -1.01
C ARG D 174 21.83 -16.95 -2.35
N THR D 175 20.84 -17.51 -3.06
CA THR D 175 20.37 -17.02 -4.35
C THR D 175 18.87 -16.72 -4.23
N PRO D 176 18.43 -15.51 -4.65
CA PRO D 176 16.99 -15.23 -4.63
C PRO D 176 16.17 -16.13 -5.57
N ARG D 177 14.89 -16.37 -5.21
CA ARG D 177 13.94 -17.10 -6.07
C ARG D 177 13.02 -16.12 -6.80
N GLU D 178 13.15 -16.06 -8.13
CA GLU D 178 12.42 -15.11 -8.96
C GLU D 178 10.97 -15.57 -9.19
N GLY D 179 10.07 -14.59 -9.34
CA GLY D 179 8.66 -14.85 -9.59
C GLY D 179 7.76 -14.86 -8.37
N LEU D 180 8.36 -14.95 -7.18
CA LEU D 180 7.61 -14.95 -5.92
C LEU D 180 7.59 -13.54 -5.36
N GLY D 181 6.48 -13.18 -4.71
CA GLY D 181 6.29 -11.83 -4.18
C GLY D 181 6.81 -11.58 -2.78
N PHE D 182 7.73 -12.44 -2.27
CA PHE D 182 8.28 -12.30 -0.92
C PHE D 182 9.56 -11.46 -0.96
N THR D 183 9.79 -10.71 0.11
CA THR D 183 10.98 -9.85 0.21
C THR D 183 12.23 -10.69 0.44
N TYR D 184 13.17 -10.61 -0.49
CA TYR D 184 14.45 -11.30 -0.35
C TYR D 184 15.40 -10.48 0.51
N HIS D 185 16.15 -11.14 1.40
CA HIS D 185 17.26 -10.52 2.12
C HIS D 185 18.57 -11.24 1.79
N PRO D 186 19.59 -10.49 1.29
CA PRO D 186 20.87 -11.13 0.96
C PRO D 186 21.71 -11.58 2.17
N THR D 187 21.37 -11.12 3.37
CA THR D 187 22.04 -11.59 4.60
C THR D 187 21.01 -12.06 5.63
N LEU D 188 21.40 -13.05 6.44
CA LEU D 188 20.53 -13.57 7.50
C LEU D 188 20.30 -12.52 8.58
N VAL D 189 21.39 -11.90 9.03
CA VAL D 189 21.31 -10.86 10.07
C VAL D 189 20.44 -9.68 9.63
N GLY D 190 20.51 -9.32 8.36
CA GLY D 190 19.67 -8.28 7.78
C GLY D 190 18.20 -8.63 7.80
N MET D 191 17.88 -9.88 7.45
CA MET D 191 16.50 -10.34 7.56
C MET D 191 16.05 -10.32 9.01
N ALA D 192 16.89 -10.85 9.91
CA ALA D 192 16.58 -10.89 11.34
C ALA D 192 16.27 -9.50 11.89
N GLU D 193 17.05 -8.50 11.50
CA GLU D 193 16.75 -7.09 11.85
C GLU D 193 15.34 -6.67 11.41
N ALA D 194 14.95 -7.07 10.20
CA ALA D 194 13.66 -6.68 9.62
C ALA D 194 12.43 -7.42 10.15
N VAL D 195 12.62 -8.61 10.70
CA VAL D 195 11.49 -9.47 11.12
C VAL D 195 11.41 -9.66 12.64
N ASP D 196 10.30 -10.22 13.13
CA ASP D 196 10.20 -10.60 14.54
C ASP D 196 10.00 -12.10 14.76
N THR D 197 10.05 -12.88 13.67
CA THR D 197 9.77 -14.32 13.70
C THR D 197 10.67 -14.98 12.67
N LEU D 198 11.55 -15.88 13.11
CA LEU D 198 12.57 -16.49 12.25
C LEU D 198 12.32 -18.00 12.22
N ILE D 199 12.04 -18.54 11.03
CA ILE D 199 11.81 -19.97 10.84
C ILE D 199 13.00 -20.55 10.09
N VAL D 200 13.65 -21.53 10.70
CA VAL D 200 14.86 -22.16 10.14
C VAL D 200 14.47 -23.44 9.41
N ILE D 201 14.74 -23.48 8.12
CA ILE D 201 14.45 -24.64 7.31
C ILE D 201 15.51 -24.80 6.20
N VAL D 202 16.77 -24.78 6.63
CA VAL D 202 17.92 -25.04 5.73
C VAL D 202 18.50 -26.44 6.04
N PRO D 203 19.30 -27.01 5.11
CA PRO D 203 20.01 -28.22 5.49
C PRO D 203 21.12 -27.97 6.51
N GLY D 204 21.54 -29.05 7.18
CA GLY D 204 22.61 -28.99 8.16
C GLY D 204 23.96 -29.23 7.51
N THR D 205 24.51 -28.18 6.90
CA THR D 205 25.80 -28.24 6.20
C THR D 205 26.84 -27.38 6.93
N ALA D 206 28.08 -27.43 6.44
CA ALA D 206 29.14 -26.55 6.93
C ALA D 206 28.75 -25.06 6.78
N SER D 207 28.03 -24.72 5.71
CA SER D 207 27.64 -23.32 5.43
C SER D 207 26.56 -22.76 6.38
N THR D 208 25.71 -23.62 6.95
CA THR D 208 24.68 -23.18 7.89
C THR D 208 25.03 -23.44 9.36
N LEU D 209 26.21 -24.04 9.62
CA LEU D 209 26.61 -24.42 10.97
C LEU D 209 26.64 -23.20 11.90
N LYS D 210 25.80 -23.23 12.93
CA LYS D 210 25.63 -22.12 13.87
C LYS D 210 25.39 -20.77 13.20
N ALA D 211 24.69 -20.76 12.08
CA ALA D 211 24.37 -19.52 11.37
C ALA D 211 23.45 -18.65 12.25
N VAL D 212 22.54 -19.31 12.98
CA VAL D 212 21.71 -18.61 13.96
C VAL D 212 22.51 -18.47 15.27
N ASN D 213 23.22 -17.34 15.37
CA ASN D 213 24.17 -17.08 16.46
C ASN D 213 23.72 -15.89 17.32
N ALA D 214 24.57 -15.48 18.26
CA ALA D 214 24.25 -14.35 19.15
C ALA D 214 23.83 -13.07 18.40
N ASP D 215 24.55 -12.74 17.33
CA ASP D 215 24.25 -11.55 16.52
C ASP D 215 22.87 -11.62 15.85
N VAL D 216 22.56 -12.77 15.27
CA VAL D 216 21.26 -12.96 14.60
C VAL D 216 20.11 -12.86 15.62
N LEU D 217 20.29 -13.48 16.78
CA LEU D 217 19.28 -13.45 17.84
C LEU D 217 19.08 -12.05 18.42
N SER D 218 20.18 -11.32 18.61
CA SER D 218 20.12 -9.94 19.07
C SER D 218 19.37 -9.08 18.04
N ALA D 219 19.70 -9.24 16.77
CA ALA D 219 19.01 -8.55 15.68
C ALA D 219 17.52 -8.91 15.58
N LEU D 220 17.18 -10.17 15.80
CA LEU D 220 15.78 -10.61 15.81
C LEU D 220 14.94 -9.79 16.82
N GLY D 221 15.48 -9.59 18.01
CA GLY D 221 14.96 -8.58 18.94
C GLY D 221 14.04 -9.11 20.02
N PRO D 222 13.59 -8.21 20.92
CA PRO D 222 12.87 -8.61 22.13
C PRO D 222 11.42 -9.12 21.96
N LYS D 223 10.83 -8.96 20.78
CA LYS D 223 9.56 -9.64 20.44
C LYS D 223 9.86 -10.89 19.60
N GLY D 224 11.13 -11.23 19.48
CA GLY D 224 11.61 -12.25 18.57
C GLY D 224 11.21 -13.67 18.95
N VAL D 225 10.76 -14.44 17.97
CA VAL D 225 10.48 -15.87 18.14
C VAL D 225 11.27 -16.66 17.07
N LEU D 226 12.02 -17.65 17.54
CA LEU D 226 12.79 -18.55 16.69
C LEU D 226 12.11 -19.92 16.59
N ILE D 227 11.88 -20.39 15.37
CA ILE D 227 11.33 -21.75 15.14
C ILE D 227 12.39 -22.51 14.34
N ASN D 228 12.82 -23.65 14.86
CA ASN D 228 13.77 -24.51 14.11
C ASN D 228 13.17 -25.86 13.79
N VAL D 229 12.94 -26.08 12.50
CA VAL D 229 12.50 -27.39 11.98
C VAL D 229 13.50 -27.96 10.95
N GLY D 230 14.71 -27.41 10.90
CA GLY D 230 15.71 -27.82 9.90
C GLY D 230 16.63 -28.83 10.54
N ARG D 231 17.78 -28.35 10.98
CA ARG D 231 18.74 -29.16 11.75
C ARG D 231 19.23 -28.37 12.95
N GLY D 232 19.43 -29.07 14.06
CA GLY D 232 19.88 -28.43 15.29
C GLY D 232 21.26 -27.79 15.21
N SER D 233 22.12 -28.33 14.36
CA SER D 233 23.46 -27.76 14.11
C SER D 233 23.43 -26.30 13.61
N THR D 234 22.36 -25.92 12.92
CA THR D 234 22.22 -24.57 12.39
C THR D 234 22.08 -23.50 13.48
N VAL D 235 21.55 -23.88 14.64
CA VAL D 235 21.41 -22.95 15.78
C VAL D 235 22.57 -23.11 16.77
N ASP D 236 23.13 -21.98 17.21
CA ASP D 236 24.10 -21.95 18.31
C ASP D 236 23.30 -22.14 19.59
N GLU D 237 23.19 -23.40 20.02
CA GLU D 237 22.27 -23.77 21.11
C GLU D 237 22.61 -23.04 22.42
N ALA D 238 23.90 -22.91 22.71
CA ALA D 238 24.37 -22.17 23.88
C ALA D 238 23.95 -20.69 23.84
N ALA D 239 24.13 -20.05 22.69
CA ALA D 239 23.70 -18.67 22.48
C ALA D 239 22.18 -18.47 22.57
N LEU D 240 21.41 -19.45 22.09
CA LEU D 240 19.97 -19.43 22.24
C LEU D 240 19.55 -19.43 23.73
N VAL D 241 20.16 -20.31 24.52
CA VAL D 241 19.86 -20.40 25.96
C VAL D 241 20.15 -19.06 26.66
N THR D 242 21.29 -18.45 26.36
CA THR D 242 21.64 -17.12 26.87
C THR D 242 20.63 -16.05 26.47
N ALA D 243 20.30 -16.02 25.18
CA ALA D 243 19.31 -15.08 24.66
C ALA D 243 17.95 -15.21 25.34
N LEU D 244 17.51 -16.44 25.58
CA LEU D 244 16.25 -16.71 26.29
C LEU D 244 16.34 -16.31 27.76
N GLN D 245 17.47 -16.64 28.41
CA GLN D 245 17.70 -16.23 29.79
C GLN D 245 17.63 -14.71 29.99
N ASN D 246 18.30 -13.98 29.09
CA ASN D 246 18.41 -12.53 29.19
C ASN D 246 17.19 -11.75 28.71
N GLY D 247 16.25 -12.43 28.04
CA GLY D 247 15.10 -11.77 27.42
C GLY D 247 15.43 -11.06 26.11
N THR D 248 16.58 -11.39 25.54
CA THR D 248 17.01 -10.87 24.22
C THR D 248 15.99 -11.21 23.14
N ILE D 249 15.44 -12.42 23.20
CA ILE D 249 14.29 -12.83 22.38
C ILE D 249 13.13 -13.26 23.29
N ALA D 250 11.94 -13.31 22.70
CA ALA D 250 10.69 -13.54 23.45
C ALA D 250 10.28 -15.01 23.57
N GLY D 251 10.75 -15.86 22.67
CA GLY D 251 10.38 -17.29 22.70
C GLY D 251 11.01 -18.14 21.61
N ALA D 252 10.82 -19.46 21.72
CA ALA D 252 11.38 -20.39 20.74
C ALA D 252 10.62 -21.73 20.69
N GLY D 253 10.56 -22.32 19.50
CA GLY D 253 9.96 -23.62 19.25
C GLY D 253 10.95 -24.44 18.46
N LEU D 254 11.34 -25.61 19.00
CA LEU D 254 12.43 -26.40 18.42
C LEU D 254 12.01 -27.85 18.22
N ASP D 255 12.15 -28.33 16.99
CA ASP D 255 11.95 -29.75 16.67
C ASP D 255 13.28 -30.50 16.61
N VAL D 256 14.38 -29.75 16.54
CA VAL D 256 15.72 -30.33 16.30
C VAL D 256 16.74 -29.67 17.22
N PHE D 257 17.81 -30.40 17.53
CA PHE D 257 18.80 -30.01 18.56
C PHE D 257 20.22 -30.45 18.17
N GLU D 258 21.21 -29.84 18.81
CA GLU D 258 22.64 -30.11 18.52
C GLU D 258 23.04 -31.56 18.75
N ASN D 259 22.55 -32.15 19.83
CA ASN D 259 22.95 -33.49 20.21
C ASN D 259 21.77 -34.37 20.64
N GLU D 260 20.89 -34.65 19.67
CA GLU D 260 19.68 -35.43 19.91
C GLU D 260 20.08 -36.82 20.38
N PRO D 261 19.33 -37.43 21.31
CA PRO D 261 18.09 -36.93 21.90
C PRO D 261 18.28 -36.08 23.16
N ASN D 262 19.48 -35.57 23.40
CA ASN D 262 19.76 -34.79 24.59
C ASN D 262 19.37 -33.35 24.37
N VAL D 263 18.51 -32.84 25.25
CA VAL D 263 18.12 -31.44 25.27
C VAL D 263 18.63 -30.87 26.60
N PRO D 264 19.38 -29.75 26.56
CA PRO D 264 19.92 -29.24 27.83
C PRO D 264 18.83 -28.83 28.82
N GLU D 265 19.08 -29.08 30.10
CA GLU D 265 18.14 -28.80 31.18
C GLU D 265 17.65 -27.36 31.18
N ALA D 266 18.54 -26.42 30.83
CA ALA D 266 18.21 -25.00 30.76
C ALA D 266 17.09 -24.71 29.74
N LEU D 267 17.12 -25.37 28.58
CA LEU D 267 16.04 -25.24 27.58
C LEU D 267 14.70 -25.76 28.10
N LEU D 268 14.73 -26.82 28.91
CA LEU D 268 13.53 -27.39 29.51
C LEU D 268 12.87 -26.48 30.57
N SER D 269 13.66 -25.59 31.17
CA SER D 269 13.18 -24.73 32.26
C SER D 269 12.23 -23.60 31.83
N PHE D 270 12.35 -23.13 30.59
CA PHE D 270 11.67 -21.91 30.17
C PHE D 270 10.16 -22.12 29.96
N PRO D 271 9.33 -21.16 30.42
CA PRO D 271 7.87 -21.22 30.17
C PRO D 271 7.46 -20.73 28.78
N ASN D 272 8.37 -20.11 28.03
CA ASN D 272 8.12 -19.52 26.71
C ASN D 272 8.73 -20.32 25.53
N VAL D 273 8.93 -21.62 25.75
CA VAL D 273 9.60 -22.48 24.79
C VAL D 273 8.78 -23.76 24.56
N SER D 274 8.59 -24.13 23.30
CA SER D 274 8.01 -25.42 22.93
C SER D 274 9.06 -26.36 22.33
N LEU D 275 9.05 -27.62 22.75
CA LEU D 275 10.06 -28.59 22.38
C LEU D 275 9.42 -29.87 21.87
N LEU D 276 9.87 -30.32 20.71
CA LEU D 276 9.39 -31.58 20.11
C LEU D 276 10.57 -32.50 19.80
N PRO D 277 10.38 -33.84 19.92
CA PRO D 277 11.44 -34.81 19.64
C PRO D 277 11.59 -35.18 18.16
N HIS D 278 11.94 -34.18 17.35
CA HIS D 278 12.18 -34.36 15.91
C HIS D 278 11.03 -35.12 15.21
N VAL D 279 9.84 -34.54 15.32
CA VAL D 279 8.62 -35.16 14.80
C VAL D 279 8.06 -34.58 13.49
N ALA D 280 8.76 -33.65 12.84
CA ALA D 280 8.13 -32.92 11.74
C ALA D 280 7.52 -33.76 10.59
N SER D 281 8.11 -34.92 10.27
CA SER D 281 7.53 -35.84 9.27
C SER D 281 6.89 -37.11 9.86
N ALA D 282 6.78 -37.17 11.18
CA ALA D 282 6.54 -38.44 11.90
C ALA D 282 5.05 -38.85 12.01
N SER D 283 4.33 -38.88 10.87
CA SER D 283 3.02 -39.56 10.75
C SER D 283 3.23 -40.92 10.05
N VAL D 284 2.30 -41.84 10.28
CA VAL D 284 2.30 -43.14 9.60
C VAL D 284 2.30 -42.97 8.06
N VAL D 285 1.35 -42.17 7.54
CA VAL D 285 1.24 -42.02 6.08
C VAL D 285 2.53 -41.43 5.47
N THR D 286 3.11 -40.40 6.11
CA THR D 286 4.30 -39.77 5.56
C THR D 286 5.55 -40.63 5.67
N ARG D 287 5.70 -41.32 6.79
CA ARG D 287 6.84 -42.24 6.95
C ARG D 287 6.73 -43.46 6.04
N ASN D 288 5.50 -43.92 5.78
CA ASN D 288 5.27 -44.93 4.74
C ASN D 288 5.73 -44.46 3.35
N ALA D 289 5.40 -43.21 2.99
CA ALA D 289 5.83 -42.64 1.70
C ALA D 289 7.36 -42.49 1.61
N MET D 290 7.98 -42.09 2.72
CA MET D 290 9.44 -42.01 2.80
C MET D 290 10.08 -43.38 2.63
N SER D 291 9.54 -44.38 3.34
CA SER D 291 9.99 -45.77 3.17
C SER D 291 9.90 -46.27 1.73
N ASP D 292 8.75 -45.98 1.09
CA ASP D 292 8.55 -46.37 -0.31
C ASP D 292 9.61 -45.74 -1.23
N LEU D 293 9.93 -44.48 -1.00
CA LEU D 293 10.89 -43.77 -1.85
C LEU D 293 12.34 -44.28 -1.67
N VAL D 294 12.71 -44.62 -0.43
CA VAL D 294 13.99 -45.31 -0.18
C VAL D 294 14.10 -46.59 -1.02
N VAL D 295 13.10 -47.46 -0.91
CA VAL D 295 13.11 -48.73 -1.62
C VAL D 295 13.03 -48.52 -3.15
N ASP D 296 12.15 -47.63 -3.60
CA ASP D 296 11.97 -47.38 -5.05
C ASP D 296 13.24 -46.78 -5.67
N ASN D 297 13.99 -45.97 -4.92
CA ASN D 297 15.34 -45.53 -5.34
C ASN D 297 16.31 -46.68 -5.59
N LEU D 298 16.40 -47.59 -4.63
CA LEU D 298 17.24 -48.80 -4.79
C LEU D 298 16.79 -49.67 -5.97
N LYS D 299 15.48 -49.90 -6.10
CA LYS D 299 14.95 -50.68 -7.22
C LYS D 299 15.24 -50.02 -8.58
N ALA D 300 15.03 -48.71 -8.66
CA ALA D 300 15.33 -47.97 -9.89
C ALA D 300 16.82 -48.03 -10.27
N TRP D 301 17.68 -47.83 -9.28
CA TRP D 301 19.14 -47.94 -9.47
C TRP D 301 19.59 -49.30 -10.01
N PHE D 302 19.17 -50.36 -9.35
CA PHE D 302 19.64 -51.69 -9.75
C PHE D 302 18.95 -52.19 -11.04
N SER D 303 17.72 -51.74 -11.34
CA SER D 303 17.01 -52.21 -12.55
C SER D 303 17.26 -51.36 -13.80
N THR D 304 17.38 -50.04 -13.65
CA THR D 304 17.55 -49.11 -14.78
C THR D 304 18.89 -48.37 -14.81
N GLY D 305 19.62 -48.35 -13.68
CA GLY D 305 20.86 -47.58 -13.57
C GLY D 305 20.69 -46.10 -13.28
N GLU D 306 19.44 -45.66 -13.07
CA GLU D 306 19.15 -44.26 -12.75
C GLU D 306 18.29 -44.24 -11.47
N ALA D 307 18.80 -43.59 -10.43
CA ALA D 307 18.04 -43.37 -9.20
C ALA D 307 16.86 -42.42 -9.45
N LEU D 308 15.89 -42.43 -8.55
CA LEU D 308 14.74 -41.51 -8.65
C LEU D 308 15.09 -40.13 -8.11
N THR D 309 15.71 -40.10 -6.93
CA THR D 309 16.04 -38.83 -6.24
C THR D 309 17.50 -38.81 -5.71
N PRO D 310 18.48 -38.87 -6.63
CA PRO D 310 19.85 -38.71 -6.19
C PRO D 310 20.05 -37.29 -5.65
N VAL D 311 20.98 -37.14 -4.71
CA VAL D 311 21.32 -35.82 -4.20
C VAL D 311 22.16 -35.04 -5.20
N ALA D 312 22.16 -33.71 -5.09
CA ALA D 312 22.91 -32.83 -6.01
C ALA D 312 24.40 -33.19 -6.12
N GLU D 313 25.01 -33.61 -5.03
CA GLU D 313 26.43 -33.97 -5.02
C GLU D 313 26.80 -35.25 -5.80
N THR D 314 25.83 -36.11 -6.10
CA THR D 314 26.07 -37.36 -6.76
C THR D 314 25.08 -37.60 -7.92
N PRO D 315 25.22 -36.82 -9.02
CA PRO D 315 24.39 -37.03 -10.19
C PRO D 315 24.93 -38.19 -11.03
N PHE D 316 24.91 -39.39 -10.45
CA PHE D 316 25.61 -40.54 -11.02
C PHE D 316 24.62 -41.47 -11.73
N ARG D 317 25.14 -42.22 -12.69
CA ARG D 317 24.43 -43.34 -13.31
C ARG D 317 25.23 -44.61 -13.07
N ARG D 318 24.53 -45.74 -12.96
CA ARG D 318 25.16 -47.00 -12.59
C ARG D 318 26.07 -47.51 -13.71
N ARG D 319 27.27 -47.91 -13.33
CA ARG D 319 28.14 -48.73 -14.17
C ARG D 319 28.26 -50.10 -13.52
N ALA D 320 27.82 -51.14 -14.22
CA ALA D 320 28.04 -52.54 -13.88
C ALA D 320 28.80 -53.17 -15.04
N ILE D 321 29.73 -54.07 -14.72
CA ILE D 321 30.56 -54.77 -15.73
C ILE D 321 30.09 -56.20 -16.00
#